data_5EJG
#
_entry.id   5EJG
#
_cell.length_a   67.217
_cell.length_b   119.655
_cell.length_c   68.624
_cell.angle_alpha   90.000
_cell.angle_beta   100.920
_cell.angle_gamma   90.000
#
_symmetry.space_group_name_H-M   'P 1 21 1'
#
loop_
_entity.id
_entity.type
_entity.pdbx_description
1 polymer 'NAD kinase 1'
2 water water
#
_entity_poly.entity_id   1
_entity_poly.type   'polypeptide(L)'
_entity_poly.pdbx_seq_one_letter_code
;MKYMITSKGDEKSDLLRLNMIAGFGEYDMEYDDVEPEIVISIGGDGTFLSAFHQYEERLDEIAFIGIHTGHLGFYADWRP
AEADKLVKLLAKGEYQKVSYPLLKTTVKYGIGKKEATYLALNESTVKSSGGPFVVDVVINDIHFERFRGDGLCMSTPSGT
TAYNKSLGGALMHPSIEAMQLTEMASINNRVYRTIGSPLVFPKHHVVSLQPVNDKDFQISVDHLSILHRDVQEIRYEVSA
KKIHFARFRSFDFWRRVHDSFIEDLEHHHHHH
;
_entity_poly.pdbx_strand_id   A,B,C,D
#
# COMPACT_ATOMS: atom_id res chain seq x y z
N MET A 1 35.98 3.20 -33.35
CA MET A 1 35.77 3.59 -31.96
C MET A 1 36.56 2.71 -30.99
N LYS A 2 36.94 3.27 -29.84
CA LYS A 2 37.63 2.55 -28.80
C LYS A 2 36.63 1.94 -27.82
N TYR A 3 37.08 0.97 -27.02
CA TYR A 3 36.14 0.18 -26.22
C TYR A 3 36.89 -0.60 -25.15
N MET A 4 36.13 -1.22 -24.25
CA MET A 4 36.61 -2.04 -23.14
C MET A 4 35.45 -2.91 -22.67
N ILE A 5 35.77 -4.05 -22.06
CA ILE A 5 34.75 -4.98 -21.59
C ILE A 5 35.03 -5.38 -20.15
N THR A 6 33.97 -5.42 -19.35
CA THR A 6 34.02 -5.92 -17.98
C THR A 6 33.30 -7.27 -17.93
N SER A 7 33.65 -8.07 -16.93
CA SER A 7 33.01 -9.35 -16.78
C SER A 7 32.53 -9.55 -15.35
N LYS A 8 31.28 -10.02 -15.23
CA LYS A 8 30.80 -10.75 -14.06
C LYS A 8 31.96 -11.49 -13.39
N GLY A 9 32.72 -12.25 -14.17
CA GLY A 9 33.88 -12.96 -13.65
C GLY A 9 33.81 -14.49 -13.73
N ASP A 10 32.64 -15.05 -13.99
CA ASP A 10 32.52 -16.48 -14.25
C ASP A 10 33.22 -16.83 -15.56
N GLU A 11 33.52 -18.11 -15.73
CA GLU A 11 34.35 -18.50 -16.87
C GLU A 11 33.65 -18.22 -18.20
N LYS A 12 32.33 -18.40 -18.26
CA LYS A 12 31.63 -18.20 -19.52
C LYS A 12 31.60 -16.73 -19.93
N SER A 13 31.62 -15.79 -18.98
CA SER A 13 31.60 -14.38 -19.37
C SER A 13 32.98 -13.93 -19.84
N ASP A 14 34.01 -14.18 -19.04
CA ASP A 14 35.38 -13.95 -19.50
C ASP A 14 35.60 -14.59 -20.86
N LEU A 15 35.05 -15.81 -21.05
CA LEU A 15 35.16 -16.51 -22.32
C LEU A 15 34.55 -15.69 -23.46
N LEU A 16 33.44 -15.01 -23.21
CA LEU A 16 32.89 -14.15 -24.25
C LEU A 16 33.56 -12.77 -24.28
N ARG A 17 34.16 -12.31 -23.18
CA ARG A 17 34.94 -11.10 -23.28
C ARG A 17 36.01 -11.29 -24.35
N LEU A 18 36.90 -12.28 -24.16
CA LEU A 18 38.02 -12.50 -25.09
C LEU A 18 37.56 -12.78 -26.52
N ASN A 19 36.44 -13.50 -26.70
CA ASN A 19 35.98 -13.75 -28.07
C ASN A 19 35.51 -12.46 -28.73
N MET A 20 34.71 -11.68 -28.02
CA MET A 20 34.33 -10.36 -28.50
C MET A 20 35.56 -9.50 -28.76
N ILE A 21 36.57 -9.59 -27.89
CA ILE A 21 37.79 -8.81 -28.11
C ILE A 21 38.41 -9.18 -29.45
N ALA A 22 38.70 -10.47 -29.66
CA ALA A 22 39.20 -10.91 -30.96
C ALA A 22 38.20 -10.66 -32.08
N GLY A 23 36.91 -10.68 -31.79
CA GLY A 23 35.92 -10.26 -32.78
C GLY A 23 36.16 -8.84 -33.26
N PHE A 24 36.46 -7.92 -32.33
CA PHE A 24 36.58 -6.51 -32.67
C PHE A 24 37.91 -6.18 -33.35
N GLY A 25 38.99 -6.90 -33.02
CA GLY A 25 40.31 -6.66 -33.58
C GLY A 25 40.36 -6.58 -35.11
N GLU A 26 39.38 -7.19 -35.77
CA GLU A 26 39.31 -7.11 -37.23
C GLU A 26 38.74 -5.81 -37.75
N TYR A 27 37.97 -5.07 -36.95
CA TYR A 27 37.40 -3.82 -37.44
C TYR A 27 38.17 -2.63 -36.91
N ASP A 28 37.78 -1.45 -37.40
CA ASP A 28 38.42 -0.20 -37.00
C ASP A 28 38.12 0.14 -35.55
N MET A 29 38.25 -0.84 -34.67
CA MET A 29 37.94 -0.67 -33.26
C MET A 29 39.14 -1.08 -32.41
N GLU A 30 39.61 -0.15 -31.59
CA GLU A 30 40.76 -0.31 -30.70
C GLU A 30 40.28 -0.55 -29.27
N TYR A 31 41.09 -1.22 -28.47
CA TYR A 31 40.71 -1.59 -27.11
C TYR A 31 41.33 -0.61 -26.12
N ASP A 32 40.49 0.06 -25.33
CA ASP A 32 40.95 1.00 -24.32
C ASP A 32 40.04 0.94 -23.10
N ASP A 33 40.64 0.72 -21.94
CA ASP A 33 39.89 0.80 -20.69
C ASP A 33 40.16 2.10 -19.93
N VAL A 34 41.08 2.94 -20.39
CA VAL A 34 41.22 4.23 -19.71
C VAL A 34 40.37 5.30 -20.38
N GLU A 35 40.26 5.30 -21.71
CA GLU A 35 39.45 6.31 -22.41
C GLU A 35 38.49 5.67 -23.40
N PRO A 36 37.63 4.75 -22.96
CA PRO A 36 36.71 4.09 -23.91
C PRO A 36 35.54 4.97 -24.27
N GLU A 37 35.14 4.89 -25.54
CA GLU A 37 33.93 5.56 -26.01
C GLU A 37 32.77 4.58 -26.14
N ILE A 38 32.93 3.39 -25.58
CA ILE A 38 31.99 2.27 -25.66
C ILE A 38 32.35 1.34 -24.51
N VAL A 39 31.38 1.01 -23.66
CA VAL A 39 31.65 0.17 -22.50
C VAL A 39 30.67 -1.00 -22.46
N ILE A 40 31.20 -2.19 -22.22
CA ILE A 40 30.41 -3.40 -22.22
C ILE A 40 30.54 -4.06 -20.86
N SER A 41 29.41 -4.52 -20.33
CA SER A 41 29.40 -5.35 -19.15
C SER A 41 28.73 -6.68 -19.49
N ILE A 42 29.26 -7.75 -18.93
CA ILE A 42 28.74 -9.09 -19.13
C ILE A 42 28.38 -9.64 -17.76
N GLY A 43 27.09 -9.90 -17.56
CA GLY A 43 26.66 -10.53 -16.32
C GLY A 43 25.53 -9.88 -15.52
N GLY A 44 24.85 -8.88 -16.09
CA GLY A 44 23.62 -8.36 -15.51
C GLY A 44 23.76 -7.05 -14.73
N ASP A 45 22.58 -6.53 -14.35
CA ASP A 45 22.47 -5.19 -13.78
C ASP A 45 23.47 -4.97 -12.64
N GLY A 46 23.69 -5.99 -11.81
CA GLY A 46 24.63 -5.84 -10.70
C GLY A 46 26.05 -5.54 -11.15
N THR A 47 26.49 -6.21 -12.21
CA THR A 47 27.78 -5.91 -12.81
C THR A 47 27.73 -4.62 -13.62
N PHE A 48 26.68 -4.43 -14.43
CA PHE A 48 26.43 -3.15 -15.08
C PHE A 48 26.58 -1.99 -14.11
N LEU A 49 26.11 -2.19 -12.87
CA LEU A 49 26.32 -1.23 -11.79
C LEU A 49 27.78 -0.81 -11.67
N SER A 50 28.71 -1.78 -11.63
CA SER A 50 30.12 -1.45 -11.44
C SER A 50 30.70 -0.73 -12.65
N ALA A 51 30.35 -1.16 -13.86
CA ALA A 51 30.86 -0.48 -15.04
C ALA A 51 30.50 1.00 -15.00
N PHE A 52 29.19 1.29 -14.81
CA PHE A 52 28.69 2.66 -14.67
C PHE A 52 29.56 3.47 -13.74
N HIS A 53 29.80 2.90 -12.56
CA HIS A 53 30.57 3.58 -11.54
C HIS A 53 32.07 3.52 -11.78
N GLN A 54 32.55 2.64 -12.67
CA GLN A 54 33.98 2.64 -12.90
C GLN A 54 34.42 3.78 -13.81
N TYR A 55 33.50 4.35 -14.57
CA TYR A 55 33.78 5.49 -15.44
C TYR A 55 32.77 6.61 -15.21
N GLU A 56 32.66 7.09 -13.96
CA GLU A 56 31.74 8.19 -13.68
C GLU A 56 32.21 9.50 -14.29
N GLU A 57 33.51 9.77 -14.26
CA GLU A 57 33.97 11.09 -14.69
C GLU A 57 34.19 11.16 -16.20
N ARG A 58 34.03 10.06 -16.91
CA ARG A 58 33.94 10.14 -18.37
C ARG A 58 32.59 9.65 -18.88
N LEU A 59 31.57 9.64 -18.01
CA LEU A 59 30.21 9.28 -18.37
C LEU A 59 29.67 10.08 -19.55
N ASP A 60 30.36 11.17 -19.90
CA ASP A 60 29.79 12.16 -20.80
C ASP A 60 29.87 11.75 -22.26
N GLU A 61 30.84 10.92 -22.62
CA GLU A 61 31.00 10.51 -24.01
C GLU A 61 31.09 9.00 -24.19
N ILE A 62 31.01 8.23 -23.11
CA ILE A 62 30.87 6.78 -23.17
C ILE A 62 29.50 6.41 -23.69
N ALA A 63 29.42 5.36 -24.53
CA ALA A 63 28.15 4.75 -24.91
C ALA A 63 28.11 3.33 -24.33
N PHE A 64 27.29 3.12 -23.29
CA PHE A 64 27.20 1.83 -22.62
C PHE A 64 26.42 0.79 -23.41
N ILE A 65 26.85 -0.48 -23.28
CA ILE A 65 26.10 -1.64 -23.77
C ILE A 65 26.17 -2.76 -22.74
N GLY A 66 25.08 -3.51 -22.60
CA GLY A 66 25.02 -4.59 -21.65
C GLY A 66 24.49 -5.92 -22.18
N ILE A 67 25.21 -6.98 -21.84
CA ILE A 67 24.81 -8.35 -22.13
C ILE A 67 24.61 -9.06 -20.79
N HIS A 68 23.51 -9.80 -20.70
CA HIS A 68 23.10 -10.57 -19.53
C HIS A 68 22.88 -12.02 -19.95
N THR A 69 23.34 -12.97 -19.13
CA THR A 69 23.46 -14.31 -19.67
C THR A 69 22.14 -15.08 -19.58
N GLY A 70 21.36 -14.86 -18.56
CA GLY A 70 20.07 -15.58 -18.37
C GLY A 70 18.86 -14.84 -18.89
N HIS A 71 17.98 -14.46 -17.96
CA HIS A 71 16.89 -13.53 -18.21
C HIS A 71 17.46 -12.15 -18.53
N LEU A 72 16.59 -11.15 -18.69
CA LEU A 72 16.99 -9.91 -19.34
C LEU A 72 17.38 -8.80 -18.38
N GLY A 73 16.70 -8.66 -17.24
CA GLY A 73 16.98 -7.51 -16.39
C GLY A 73 16.42 -6.21 -16.97
N PHE A 74 16.98 -5.09 -16.53
CA PHE A 74 16.62 -3.81 -17.13
C PHE A 74 17.79 -3.05 -17.74
N TYR A 75 19.04 -3.43 -17.47
CA TYR A 75 20.13 -2.72 -18.12
C TYR A 75 20.74 -3.45 -19.29
N ALA A 76 20.78 -4.78 -19.25
CA ALA A 76 21.30 -5.54 -20.39
C ALA A 76 20.28 -5.60 -21.51
N ASP A 77 20.73 -5.31 -22.72
CA ASP A 77 19.92 -5.32 -23.93
C ASP A 77 20.32 -6.46 -24.86
N TRP A 78 20.97 -7.51 -24.34
CA TRP A 78 21.70 -8.37 -25.25
C TRP A 78 21.94 -9.75 -24.64
N ARG A 79 21.88 -10.86 -25.55
CA ARG A 79 22.21 -12.24 -25.17
C ARG A 79 23.59 -12.62 -25.69
N PRO A 80 24.32 -13.51 -24.99
CA PRO A 80 25.71 -13.75 -25.40
C PRO A 80 25.77 -14.48 -26.75
N ALA A 81 24.79 -15.32 -27.05
CA ALA A 81 24.72 -15.89 -28.39
C ALA A 81 24.61 -14.80 -29.46
N GLU A 82 24.23 -13.60 -29.09
CA GLU A 82 24.02 -12.52 -30.05
C GLU A 82 25.21 -11.57 -30.13
N ALA A 83 26.27 -11.85 -29.36
CA ALA A 83 27.48 -11.04 -29.45
C ALA A 83 27.96 -10.90 -30.88
N ASP A 84 27.94 -11.99 -31.64
CA ASP A 84 28.46 -11.96 -33.00
C ASP A 84 27.75 -10.90 -33.84
N LYS A 85 26.43 -10.76 -33.65
CA LYS A 85 25.69 -9.69 -34.32
C LYS A 85 26.07 -8.31 -33.78
N LEU A 86 26.25 -8.24 -32.47
CA LEU A 86 26.62 -6.98 -31.83
C LEU A 86 27.94 -6.46 -32.38
N VAL A 87 28.93 -7.34 -32.52
CA VAL A 87 30.29 -6.95 -32.88
C VAL A 87 30.32 -6.23 -34.23
N LYS A 88 29.48 -6.67 -35.18
CA LYS A 88 29.44 -6.08 -36.51
C LYS A 88 28.52 -4.87 -36.60
N LEU A 89 27.43 -4.85 -35.83
CA LEU A 89 26.57 -3.67 -35.79
C LEU A 89 27.23 -2.52 -35.07
N LEU A 90 28.11 -2.83 -34.10
CA LEU A 90 28.82 -1.77 -33.42
C LEU A 90 29.93 -1.21 -34.30
N ALA A 91 30.70 -2.08 -34.95
CA ALA A 91 31.73 -1.64 -35.88
C ALA A 91 31.14 -0.67 -36.89
N LYS A 92 30.04 -1.06 -37.53
CA LYS A 92 29.40 -0.19 -38.51
C LYS A 92 28.96 1.15 -37.91
N GLY A 93 29.12 1.36 -36.60
CA GLY A 93 28.62 2.57 -35.97
C GLY A 93 27.14 2.76 -36.14
N GLU A 94 26.39 1.66 -36.20
CA GLU A 94 24.96 1.72 -36.43
C GLU A 94 24.25 1.54 -35.08
N TYR A 95 24.21 2.63 -34.31
CA TYR A 95 23.51 2.63 -33.04
C TYR A 95 23.06 4.03 -32.69
N GLN A 96 21.84 4.13 -32.14
CA GLN A 96 21.30 5.33 -31.51
C GLN A 96 21.56 5.24 -30.01
N LYS A 97 21.81 6.39 -29.38
CA LYS A 97 22.11 6.40 -27.95
C LYS A 97 21.00 7.10 -27.15
N VAL A 98 20.81 6.64 -25.91
CA VAL A 98 19.66 6.99 -25.09
C VAL A 98 20.12 7.52 -23.74
N SER A 99 19.49 8.60 -23.26
CA SER A 99 19.85 9.24 -22.00
C SER A 99 18.88 8.84 -20.90
N TYR A 100 19.42 8.28 -19.79
CA TYR A 100 18.65 8.11 -18.56
C TYR A 100 19.16 9.08 -17.49
N PRO A 101 18.25 9.59 -16.67
CA PRO A 101 18.64 10.57 -15.63
C PRO A 101 19.44 9.93 -14.52
N LEU A 102 20.22 10.76 -13.82
CA LEU A 102 20.99 10.32 -12.67
C LEU A 102 20.60 11.15 -11.43
N LEU A 103 21.00 10.68 -10.25
CA LEU A 103 20.60 11.29 -9.00
C LEU A 103 21.84 11.59 -8.16
N LYS A 104 22.06 12.90 -7.97
CA LYS A 104 23.21 13.45 -7.29
C LYS A 104 22.93 13.55 -5.79
N THR A 105 23.66 12.79 -4.99
CA THR A 105 23.71 13.01 -3.56
C THR A 105 24.75 14.08 -3.24
N THR A 106 24.38 15.02 -2.38
CA THR A 106 25.36 15.92 -1.78
C THR A 106 25.38 15.67 -0.29
N VAL A 107 26.59 15.53 0.26
CA VAL A 107 26.82 15.49 1.70
C VAL A 107 27.56 16.77 2.11
N LYS A 108 27.31 17.23 3.33
CA LYS A 108 27.97 18.42 3.89
C LYS A 108 28.33 18.24 5.36
N LYS A 114 34.52 20.51 4.01
CA LYS A 114 33.98 20.58 2.66
C LYS A 114 33.10 19.36 2.37
N GLU A 115 32.65 19.25 1.12
CA GLU A 115 31.54 18.36 0.80
C GLU A 115 31.97 17.20 -0.10
N ALA A 116 31.09 16.18 -0.11
CA ALA A 116 31.17 14.93 -0.87
C ALA A 116 30.00 14.89 -1.85
N THR A 117 30.13 14.11 -2.95
CA THR A 117 29.20 14.28 -4.07
C THR A 117 29.27 13.12 -5.08
N TYR A 118 28.33 12.17 -4.95
CA TYR A 118 28.28 10.92 -5.72
C TYR A 118 27.29 11.02 -6.87
N LEU A 119 27.29 9.99 -7.72
CA LEU A 119 26.23 9.72 -8.69
C LEU A 119 25.55 8.40 -8.37
N ALA A 120 24.38 8.16 -8.98
CA ALA A 120 23.51 7.03 -8.66
C ALA A 120 22.69 6.65 -9.87
N LEU A 121 22.84 5.42 -10.38
CA LEU A 121 21.99 5.01 -11.49
C LEU A 121 20.67 4.42 -11.00
N ASN A 122 20.64 3.90 -9.77
CA ASN A 122 19.40 3.37 -9.19
C ASN A 122 18.79 4.29 -8.13
N GLU A 123 19.52 4.46 -7.03
CA GLU A 123 18.96 4.99 -5.81
C GLU A 123 20.08 5.49 -4.86
N SER A 124 19.73 5.69 -3.57
CA SER A 124 20.56 6.25 -2.53
C SER A 124 19.74 6.27 -1.24
N THR A 125 20.26 5.77 -0.11
CA THR A 125 19.46 5.67 1.12
C THR A 125 20.19 6.23 2.36
N VAL A 126 19.44 6.41 3.46
CA VAL A 126 19.96 6.99 4.71
C VAL A 126 19.34 6.30 5.92
N LYS A 127 20.17 5.82 6.85
CA LYS A 127 19.68 5.17 8.06
C LYS A 127 20.35 5.69 9.34
N SER A 128 20.66 4.78 10.28
CA SER A 128 21.37 5.07 11.55
C SER A 128 20.59 5.99 12.50
N PRO A 132 18.06 5.08 16.38
CA PRO A 132 17.15 6.23 16.37
C PRO A 132 17.41 7.14 15.19
N PHE A 133 16.51 7.18 14.22
CA PHE A 133 16.75 7.94 12.99
C PHE A 133 15.67 9.01 12.83
N VAL A 134 16.08 10.27 12.92
CA VAL A 134 15.18 11.41 12.90
C VAL A 134 15.79 12.52 12.06
N VAL A 135 15.12 12.88 10.97
CA VAL A 135 15.64 13.82 9.99
C VAL A 135 14.53 14.78 9.53
N ASP A 136 14.92 16.03 9.30
CA ASP A 136 14.01 17.07 8.86
C ASP A 136 14.03 17.11 7.35
N VAL A 137 12.89 16.85 6.72
CA VAL A 137 12.79 16.92 5.28
C VAL A 137 12.50 18.36 4.89
N VAL A 138 13.36 18.90 4.03
CA VAL A 138 13.30 20.28 3.61
C VAL A 138 13.28 20.28 2.08
N ILE A 139 12.20 20.79 1.48
CA ILE A 139 12.07 20.85 0.03
C ILE A 139 12.21 22.30 -0.41
N ASN A 140 13.22 22.54 -1.25
CA ASN A 140 13.49 23.88 -1.80
C ASN A 140 13.59 24.94 -0.70
N ASP A 141 14.25 24.58 0.41
CA ASP A 141 14.58 25.41 1.56
C ASP A 141 13.40 25.53 2.50
N ILE A 142 12.24 24.98 2.15
CA ILE A 142 11.02 25.09 2.94
C ILE A 142 10.73 23.73 3.55
N HIS A 143 10.59 23.71 4.87
CA HIS A 143 10.30 22.49 5.63
C HIS A 143 9.06 21.76 5.12
N PHE A 144 9.06 20.43 5.25
CA PHE A 144 7.92 19.66 4.74
C PHE A 144 7.39 18.65 5.74
N GLU A 145 8.25 18.02 6.53
CA GLU A 145 7.80 17.07 7.53
C GLU A 145 9.00 16.77 8.42
N ARG A 146 8.73 16.17 9.57
CA ARG A 146 9.79 15.64 10.41
C ARG A 146 9.57 14.15 10.53
N PHE A 147 10.55 13.38 10.11
CA PHE A 147 10.40 11.94 9.86
C PHE A 147 11.16 11.17 10.94
N ARG A 148 10.46 10.26 11.62
CA ARG A 148 11.09 9.28 12.48
C ARG A 148 10.86 7.85 11.95
N GLY A 149 11.94 7.11 11.77
CA GLY A 149 11.82 5.73 11.35
C GLY A 149 13.13 5.13 10.88
N ASP A 150 13.03 4.28 9.86
CA ASP A 150 14.18 3.53 9.38
C ASP A 150 15.05 4.38 8.46
N GLY A 151 14.47 4.85 7.37
CA GLY A 151 15.25 5.70 6.49
C GLY A 151 14.35 6.21 5.40
N LEU A 152 14.98 6.84 4.43
CA LEU A 152 14.33 7.31 3.21
C LEU A 152 15.14 6.78 2.05
N CYS A 153 14.47 6.61 0.90
CA CYS A 153 15.17 6.20 -0.31
C CYS A 153 14.84 7.14 -1.43
N MET A 154 15.87 7.75 -2.00
CA MET A 154 15.71 8.53 -3.22
C MET A 154 16.22 7.68 -4.38
N SER A 155 15.44 7.60 -5.44
CA SER A 155 15.68 6.63 -6.49
C SER A 155 15.45 7.29 -7.84
N THR A 156 16.16 6.79 -8.83
CA THR A 156 16.04 7.30 -10.19
C THR A 156 14.95 6.54 -10.89
N PRO A 157 14.45 7.06 -12.01
CA PRO A 157 13.49 6.27 -12.79
C PRO A 157 14.02 4.88 -13.05
N SER A 158 15.23 4.76 -13.61
CA SER A 158 15.79 3.45 -13.83
C SER A 158 15.77 2.64 -12.54
N GLY A 159 15.96 3.29 -11.39
CA GLY A 159 15.95 2.64 -10.08
C GLY A 159 14.57 2.28 -9.53
N THR A 160 13.49 2.73 -10.17
CA THR A 160 12.16 2.49 -9.60
C THR A 160 11.78 1.02 -9.59
N THR A 161 12.38 0.20 -10.45
CA THR A 161 12.11 -1.24 -10.45
C THR A 161 12.87 -1.99 -9.36
N ALA A 162 13.63 -1.28 -8.52
CA ALA A 162 14.51 -1.91 -7.55
C ALA A 162 14.00 -1.62 -6.13
N TYR A 163 14.88 -1.32 -5.17
CA TYR A 163 14.48 -1.12 -3.79
C TYR A 163 13.30 -0.14 -3.67
N ASN A 164 13.23 0.87 -4.56
CA ASN A 164 12.03 1.69 -4.75
C ASN A 164 10.77 0.83 -4.74
N LYS A 165 10.71 -0.12 -5.68
CA LYS A 165 9.54 -0.96 -5.83
C LYS A 165 9.21 -1.69 -4.53
N SER A 166 10.24 -2.23 -3.87
CA SER A 166 9.97 -2.94 -2.62
C SER A 166 9.52 -2.01 -1.48
N LEU A 167 9.59 -0.69 -1.66
CA LEU A 167 9.17 0.27 -0.64
C LEU A 167 7.80 0.90 -0.93
N GLY A 168 7.07 0.39 -1.92
CA GLY A 168 5.81 0.98 -2.33
C GLY A 168 5.94 2.08 -3.34
N GLY A 169 7.14 2.39 -3.79
CA GLY A 169 7.28 3.41 -4.79
C GLY A 169 6.73 2.95 -6.12
N ALA A 170 6.36 3.93 -6.92
CA ALA A 170 5.77 3.72 -8.24
C ALA A 170 6.85 3.31 -9.24
N LEU A 171 6.44 2.57 -10.28
CA LEU A 171 7.32 2.20 -11.38
C LEU A 171 7.25 3.28 -12.43
N MET A 172 8.39 3.92 -12.71
CA MET A 172 8.48 4.98 -13.71
C MET A 172 9.23 4.51 -14.95
N HIS A 173 8.76 4.95 -16.11
CA HIS A 173 9.50 4.91 -17.37
C HIS A 173 10.80 5.71 -17.30
N PRO A 174 11.95 5.11 -17.59
CA PRO A 174 13.25 5.78 -17.40
C PRO A 174 13.43 7.13 -18.09
N SER A 175 12.76 7.39 -19.21
CA SER A 175 12.98 8.62 -19.96
C SER A 175 12.53 9.87 -19.18
N ILE A 176 11.58 9.70 -18.27
CA ILE A 176 11.07 10.79 -17.44
C ILE A 176 12.18 11.31 -16.54
N GLU A 177 12.30 12.64 -16.47
CA GLU A 177 13.43 13.29 -15.80
C GLU A 177 12.97 13.66 -14.40
N ALA A 178 13.31 12.82 -13.41
CA ALA A 178 12.66 12.92 -12.11
C ALA A 178 13.48 12.21 -11.02
N MET A 179 13.07 12.42 -9.77
CA MET A 179 13.48 11.56 -8.67
C MET A 179 12.24 11.26 -7.84
N GLN A 180 12.35 10.26 -6.96
CA GLN A 180 11.19 9.76 -6.21
C GLN A 180 11.61 9.27 -4.83
N LEU A 181 11.09 9.95 -3.79
CA LEU A 181 11.38 9.63 -2.40
C LEU A 181 10.29 8.73 -1.82
N THR A 182 10.72 7.70 -1.09
CA THR A 182 9.84 6.74 -0.46
C THR A 182 10.35 6.63 0.95
N GLU A 183 9.44 6.32 1.88
CA GLU A 183 9.74 6.17 3.29
C GLU A 183 10.18 4.74 3.61
N MET A 184 10.79 4.55 4.79
CA MET A 184 11.11 3.23 5.30
C MET A 184 10.62 3.17 6.73
N ALA A 185 9.54 2.39 6.94
CA ALA A 185 8.80 2.27 8.19
C ALA A 185 8.73 3.59 8.96
N SER A 186 8.19 4.62 8.32
CA SER A 186 7.81 5.85 9.01
C SER A 186 6.86 5.53 10.15
N ILE A 187 7.15 6.06 11.34
CA ILE A 187 6.23 5.91 12.47
C ILE A 187 4.94 6.68 12.21
N ASN A 188 5.07 7.92 11.75
CA ASN A 188 3.93 8.72 11.35
C ASN A 188 2.91 8.79 12.46
N ASN A 189 3.10 9.71 13.41
CA ASN A 189 2.10 9.99 14.42
C ASN A 189 1.92 11.51 14.48
N ARG A 190 1.31 11.98 15.59
CA ARG A 190 1.24 13.41 15.91
C ARG A 190 2.59 14.09 15.76
N VAL A 191 3.61 13.58 16.46
CA VAL A 191 4.90 14.26 16.55
C VAL A 191 5.61 14.25 15.19
N TYR A 192 5.64 13.07 14.56
CA TYR A 192 6.45 12.82 13.38
C TYR A 192 5.56 12.53 12.16
N ARG A 193 4.88 13.58 11.70
CA ARG A 193 3.80 13.45 10.71
C ARG A 193 4.37 13.47 9.29
N THR A 194 4.31 12.32 8.62
CA THR A 194 4.90 12.17 7.29
C THR A 194 3.82 11.91 6.25
N ILE A 195 4.18 12.09 4.99
CA ILE A 195 3.20 12.04 3.91
C ILE A 195 2.70 10.62 3.69
N GLY A 196 3.54 9.61 3.91
CA GLY A 196 3.17 8.27 3.46
C GLY A 196 3.33 7.99 1.97
N SER A 197 2.78 8.86 1.13
CA SER A 197 2.91 8.71 -0.30
C SER A 197 4.38 8.81 -0.70
N PRO A 198 4.75 8.27 -1.86
CA PRO A 198 6.06 8.59 -2.44
C PRO A 198 5.98 9.94 -3.12
N LEU A 199 7.14 10.61 -3.25
CA LEU A 199 7.16 11.97 -3.77
C LEU A 199 8.02 12.07 -5.02
N VAL A 200 7.38 12.36 -6.16
CA VAL A 200 8.05 12.34 -7.47
C VAL A 200 8.39 13.76 -7.86
N PHE A 201 9.64 14.06 -7.81
CA PHE A 201 10.18 15.40 -7.98
C PHE A 201 10.77 15.60 -9.37
N PRO A 202 10.80 16.85 -9.82
CA PRO A 202 11.37 17.16 -11.14
C PRO A 202 12.81 17.63 -11.07
N LYS A 203 13.35 17.96 -12.25
CA LYS A 203 14.64 18.63 -12.32
C LYS A 203 14.56 19.93 -11.54
N HIS A 204 15.61 20.23 -10.79
CA HIS A 204 15.82 21.53 -10.14
C HIS A 204 15.05 21.70 -8.83
N HIS A 205 14.21 20.77 -8.45
CA HIS A 205 13.81 20.64 -7.06
C HIS A 205 14.88 19.90 -6.26
N VAL A 206 15.28 20.47 -5.13
CA VAL A 206 16.26 19.89 -4.22
C VAL A 206 15.58 19.46 -2.93
N VAL A 207 15.67 18.18 -2.59
CA VAL A 207 15.26 17.71 -1.28
C VAL A 207 16.49 17.63 -0.39
N SER A 208 16.45 18.36 0.73
CA SER A 208 17.49 18.33 1.73
C SER A 208 16.96 17.73 3.02
N LEU A 209 17.67 16.74 3.55
CA LEU A 209 17.28 16.06 4.78
C LEU A 209 18.18 16.54 5.90
N GLN A 210 17.61 17.04 7.00
CA GLN A 210 18.52 17.68 7.92
C GLN A 210 18.24 17.19 9.34
N PRO A 211 19.27 17.03 10.17
CA PRO A 211 19.14 16.32 11.46
C PRO A 211 18.56 17.16 12.60
N VAL A 212 18.18 16.43 13.66
CA VAL A 212 17.39 16.93 14.79
C VAL A 212 18.04 16.50 16.10
N ASP A 214 21.86 12.75 16.18
CA ASP A 214 23.09 11.96 16.04
C ASP A 214 24.05 12.60 15.05
N LYS A 215 23.57 12.76 13.82
CA LYS A 215 24.27 13.29 12.65
C LYS A 215 25.25 12.30 12.03
N ASP A 216 25.22 11.01 12.40
CA ASP A 216 26.08 10.01 11.77
C ASP A 216 25.19 8.90 11.20
N PHE A 217 24.93 9.00 9.90
CA PHE A 217 23.99 8.15 9.19
C PHE A 217 24.74 7.12 8.35
N GLN A 218 24.03 6.07 7.96
CA GLN A 218 24.53 5.12 6.99
C GLN A 218 23.99 5.52 5.61
N ILE A 219 24.86 6.01 4.75
CA ILE A 219 24.48 6.59 3.48
C ILE A 219 25.03 5.67 2.40
N SER A 220 24.13 5.02 1.68
CA SER A 220 24.48 4.07 0.64
C SER A 220 24.12 4.68 -0.70
N VAL A 221 25.10 4.82 -1.58
CA VAL A 221 24.84 5.26 -2.93
C VAL A 221 24.86 4.01 -3.81
N ASP A 222 23.75 3.76 -4.50
CA ASP A 222 23.60 2.49 -5.17
C ASP A 222 23.89 1.39 -4.15
N HIS A 223 24.93 0.60 -4.35
CA HIS A 223 25.22 -0.41 -3.34
C HIS A 223 26.25 0.03 -2.31
N LEU A 224 27.25 0.81 -2.72
CA LEU A 224 28.26 1.32 -1.78
C LEU A 224 27.66 2.11 -0.61
N SER A 225 27.72 1.53 0.58
CA SER A 225 27.34 2.18 1.82
C SER A 225 28.61 2.63 2.55
N ILE A 226 28.82 3.95 2.62
CA ILE A 226 29.84 4.58 3.44
C ILE A 226 29.17 5.18 4.66
N LEU A 227 29.65 4.87 5.86
CA LEU A 227 29.13 5.56 7.03
C LEU A 227 29.81 6.91 7.15
N HIS A 228 29.00 7.95 7.26
CA HIS A 228 29.47 9.33 7.32
C HIS A 228 29.32 9.83 8.76
N ARG A 229 30.13 10.82 9.11
CA ARG A 229 30.25 11.27 10.50
C ARG A 229 29.93 12.75 10.61
N ASP A 230 29.04 13.09 11.54
CA ASP A 230 28.78 14.48 11.89
C ASP A 230 28.23 15.25 10.69
N VAL A 231 27.20 14.69 10.05
CA VAL A 231 26.69 15.25 8.80
C VAL A 231 25.75 16.41 9.10
N GLN A 232 25.99 17.55 8.44
CA GLN A 232 25.17 18.76 8.59
C GLN A 232 24.05 18.86 7.56
N GLU A 233 24.17 18.20 6.41
CA GLU A 233 23.07 18.16 5.44
C GLU A 233 23.29 16.99 4.48
N ILE A 234 22.19 16.37 4.04
CA ILE A 234 22.16 15.48 2.87
C ILE A 234 21.16 16.07 1.89
N ARG A 235 21.55 16.16 0.62
CA ARG A 235 20.82 16.93 -0.40
C ARG A 235 20.70 16.12 -1.70
N TYR A 236 19.48 15.83 -2.14
CA TYR A 236 19.25 15.00 -3.33
C TYR A 236 18.70 15.84 -4.49
N GLU A 237 19.09 15.50 -5.70
CA GLU A 237 18.45 16.15 -6.84
C GLU A 237 18.79 15.39 -8.12
N VAL A 238 17.92 15.54 -9.13
CA VAL A 238 18.23 15.17 -10.49
C VAL A 238 19.56 15.75 -10.91
N SER A 239 20.45 14.89 -11.43
CA SER A 239 21.80 15.25 -11.86
C SER A 239 21.83 15.73 -13.30
N ALA A 240 22.70 16.71 -13.57
CA ALA A 240 22.81 17.24 -14.92
C ALA A 240 23.40 16.19 -15.85
N LYS A 241 24.32 15.39 -15.33
CA LYS A 241 24.86 14.25 -16.06
C LYS A 241 23.79 13.19 -16.26
N LYS A 242 23.69 12.68 -17.49
CA LYS A 242 22.89 11.51 -17.78
C LYS A 242 23.80 10.32 -18.12
N ILE A 243 23.19 9.21 -18.52
CA ILE A 243 23.91 8.00 -18.92
C ILE A 243 23.32 7.54 -20.24
N HIS A 244 24.20 7.10 -21.16
CA HIS A 244 23.84 6.86 -22.55
C HIS A 244 24.05 5.40 -22.92
N PHE A 245 23.01 4.78 -23.48
CA PHE A 245 23.03 3.40 -23.93
C PHE A 245 23.11 3.40 -25.44
N ALA A 246 24.08 2.68 -25.99
CA ALA A 246 24.04 2.35 -27.41
C ALA A 246 22.87 1.40 -27.66
N ARG A 247 21.92 1.82 -28.48
CA ARG A 247 20.73 1.02 -28.73
C ARG A 247 20.59 0.72 -30.22
N PHE A 248 20.27 -0.54 -30.52
CA PHE A 248 20.08 -0.97 -31.89
C PHE A 248 18.64 -1.31 -32.20
N ARG A 249 17.91 -1.86 -31.24
CA ARG A 249 16.48 -2.15 -31.40
C ARG A 249 15.68 -1.34 -30.39
N SER A 250 14.39 -1.15 -30.71
CA SER A 250 13.43 -0.55 -29.78
C SER A 250 13.53 -1.21 -28.42
N PHE A 251 13.58 -0.39 -27.36
CA PHE A 251 13.49 -0.92 -26.01
C PHE A 251 12.02 -0.90 -25.60
N ASP A 252 11.59 -1.92 -24.86
CA ASP A 252 10.22 -1.97 -24.39
C ASP A 252 10.27 -2.08 -22.87
N PHE A 253 10.24 -0.92 -22.21
CA PHE A 253 10.31 -0.90 -20.77
C PHE A 253 9.17 -1.70 -20.14
N TRP A 254 7.94 -1.47 -20.58
CA TRP A 254 6.79 -2.10 -19.94
C TRP A 254 6.78 -3.61 -20.16
N ARG A 255 7.28 -4.05 -21.31
CA ARG A 255 7.54 -5.48 -21.51
C ARG A 255 8.41 -6.03 -20.41
N ARG A 256 9.61 -5.47 -20.24
CA ARG A 256 10.52 -6.05 -19.26
C ARG A 256 9.97 -5.99 -17.85
N VAL A 257 9.11 -5.00 -17.57
CA VAL A 257 8.40 -4.98 -16.30
C VAL A 257 7.40 -6.12 -16.24
N HIS A 258 6.69 -6.37 -17.35
CA HIS A 258 5.93 -7.61 -17.45
C HIS A 258 6.83 -8.80 -17.17
N ASP A 259 7.95 -8.88 -17.88
CA ASP A 259 8.76 -10.09 -17.82
C ASP A 259 9.33 -10.33 -16.44
N SER A 260 9.82 -9.29 -15.76
CA SER A 260 10.50 -9.53 -14.48
C SER A 260 9.51 -9.92 -13.39
N PHE A 261 8.26 -9.44 -13.47
CA PHE A 261 7.36 -9.43 -12.31
C PHE A 261 6.10 -10.23 -12.53
N ILE A 262 5.56 -10.22 -13.75
CA ILE A 262 4.38 -11.01 -14.11
C ILE A 262 4.79 -12.31 -14.83
N MET B 1 -8.81 42.80 -20.69
CA MET B 1 -10.16 42.76 -21.21
C MET B 1 -11.00 41.73 -20.47
N LYS B 2 -11.64 40.89 -21.26
CA LYS B 2 -12.84 40.16 -20.88
C LYS B 2 -12.60 39.14 -19.73
N TYR B 3 -13.70 38.70 -19.10
CA TYR B 3 -13.65 37.81 -17.92
C TYR B 3 -15.02 37.22 -17.62
N MET B 4 -15.05 36.15 -16.80
CA MET B 4 -16.26 35.65 -16.11
C MET B 4 -15.89 35.00 -14.77
N ILE B 5 -16.90 34.47 -14.06
CA ILE B 5 -16.75 33.89 -12.73
C ILE B 5 -17.75 32.76 -12.48
N THR B 6 -17.27 31.53 -12.28
CA THR B 6 -18.12 30.46 -11.75
C THR B 6 -18.23 30.61 -10.24
N SER B 7 -19.37 30.21 -9.69
CA SER B 7 -19.58 30.23 -8.25
C SER B 7 -20.19 28.92 -7.78
N LYS B 8 -19.57 28.34 -6.75
CA LYS B 8 -20.10 27.19 -6.04
C LYS B 8 -21.61 27.34 -5.88
N GLY B 9 -22.07 28.56 -5.62
CA GLY B 9 -23.48 28.83 -5.43
C GLY B 9 -23.90 28.87 -3.99
N ASP B 10 -23.00 28.57 -3.06
CA ASP B 10 -23.27 28.65 -1.63
C ASP B 10 -23.30 30.11 -1.18
N GLU B 11 -23.61 30.31 0.10
CA GLU B 11 -23.81 31.66 0.64
C GLU B 11 -22.51 32.29 1.11
N LYS B 12 -21.39 31.91 0.51
CA LYS B 12 -20.12 32.55 0.80
C LYS B 12 -19.50 33.00 -0.53
N SER B 13 -19.43 32.06 -1.48
CA SER B 13 -19.09 32.43 -2.85
C SER B 13 -20.06 33.46 -3.41
N ASP B 14 -21.21 33.65 -2.78
CA ASP B 14 -22.19 34.50 -3.44
C ASP B 14 -22.11 35.95 -3.00
N LEU B 15 -21.67 36.25 -1.79
CA LEU B 15 -21.27 37.63 -1.53
C LEU B 15 -20.16 38.03 -2.52
N LEU B 16 -19.08 37.25 -2.56
CA LEU B 16 -17.96 37.56 -3.43
C LEU B 16 -18.29 37.51 -4.92
N ARG B 17 -19.41 36.88 -5.30
CA ARG B 17 -19.83 36.80 -6.69
C ARG B 17 -19.72 38.15 -7.40
N LEU B 18 -20.62 39.09 -7.08
CA LEU B 18 -20.62 40.42 -7.68
C LEU B 18 -19.69 41.39 -6.98
N ASN B 19 -19.36 41.15 -5.70
CA ASN B 19 -18.37 41.98 -5.01
C ASN B 19 -17.08 42.07 -5.80
N MET B 20 -16.76 41.04 -6.58
CA MET B 20 -15.67 41.11 -7.53
C MET B 20 -16.12 41.63 -8.89
N ILE B 21 -17.39 41.44 -9.26
CA ILE B 21 -17.90 42.01 -10.50
C ILE B 21 -17.98 43.53 -10.38
N ALA B 22 -18.67 44.01 -9.33
CA ALA B 22 -18.66 45.44 -9.06
C ALA B 22 -17.24 45.96 -8.84
N GLY B 23 -16.36 45.15 -8.23
CA GLY B 23 -14.98 45.58 -8.07
C GLY B 23 -14.32 45.88 -9.41
N PHE B 24 -14.50 44.99 -10.39
CA PHE B 24 -13.98 45.20 -11.73
C PHE B 24 -14.66 46.34 -12.45
N GLY B 25 -15.68 46.95 -11.83
CA GLY B 25 -16.43 48.05 -12.40
C GLY B 25 -15.64 49.26 -12.85
N GLU B 26 -14.42 49.45 -12.33
CA GLU B 26 -13.60 50.60 -12.68
C GLU B 26 -12.41 50.26 -13.55
N TYR B 27 -12.26 49.00 -13.97
CA TYR B 27 -11.19 48.61 -14.90
C TYR B 27 -11.75 47.98 -16.17
N GLU B 30 -14.71 43.78 -18.96
CA GLU B 30 -16.12 43.45 -18.82
C GLU B 30 -16.46 42.00 -19.19
N TYR B 31 -17.64 41.63 -18.76
CA TYR B 31 -17.99 40.27 -18.44
C TYR B 31 -18.39 39.46 -19.68
N ASP B 32 -17.80 38.27 -19.84
CA ASP B 32 -18.26 37.32 -20.86
C ASP B 32 -18.56 35.97 -20.25
N ASP B 33 -19.69 35.38 -20.61
CA ASP B 33 -19.77 33.98 -20.23
C ASP B 33 -19.55 33.02 -21.39
N VAL B 34 -19.18 33.48 -22.61
CA VAL B 34 -19.06 32.60 -23.77
C VAL B 34 -17.65 32.57 -24.37
N GLU B 35 -16.95 33.71 -24.45
CA GLU B 35 -15.57 33.68 -24.94
C GLU B 35 -14.67 34.54 -24.04
N PRO B 36 -14.63 34.25 -22.74
CA PRO B 36 -13.79 35.03 -21.83
C PRO B 36 -12.32 34.68 -21.99
N GLU B 37 -11.49 35.67 -21.74
CA GLU B 37 -10.06 35.41 -21.62
C GLU B 37 -9.69 34.88 -20.24
N ILE B 38 -10.61 34.93 -19.28
CA ILE B 38 -10.36 34.46 -17.93
C ILE B 38 -11.59 33.70 -17.46
N VAL B 39 -11.37 32.60 -16.73
CA VAL B 39 -12.41 31.90 -16.00
C VAL B 39 -11.95 31.83 -14.54
N ILE B 40 -12.70 32.46 -13.65
CA ILE B 40 -12.35 32.56 -12.24
C ILE B 40 -13.26 31.62 -11.48
N SER B 41 -12.67 30.76 -10.64
CA SER B 41 -13.46 29.82 -9.85
C SER B 41 -13.61 30.31 -8.40
N ILE B 42 -14.81 30.16 -7.85
CA ILE B 42 -15.09 30.50 -6.46
C ILE B 42 -15.82 29.33 -5.82
N GLY B 43 -15.12 28.57 -4.97
CA GLY B 43 -15.80 27.55 -4.19
C GLY B 43 -15.00 26.34 -3.77
N GLY B 44 -13.91 26.04 -4.46
CA GLY B 44 -13.13 24.86 -4.15
C GLY B 44 -12.67 24.15 -5.39
N ASP B 45 -12.16 22.93 -5.21
CA ASP B 45 -11.52 22.21 -6.31
C ASP B 45 -12.55 21.59 -7.27
N GLY B 46 -13.61 20.99 -6.71
CA GLY B 46 -14.71 20.47 -7.51
C GLY B 46 -15.44 21.53 -8.31
N THR B 47 -15.50 22.76 -7.80
CA THR B 47 -16.04 23.85 -8.60
C THR B 47 -15.17 24.09 -9.84
N PHE B 48 -13.87 24.37 -9.62
CA PHE B 48 -12.84 24.54 -10.64
C PHE B 48 -12.94 23.48 -11.75
N LEU B 49 -13.22 22.24 -11.37
CA LEU B 49 -13.33 21.16 -12.34
C LEU B 49 -14.55 21.35 -13.23
N SER B 50 -15.72 21.52 -12.62
CA SER B 50 -16.94 21.83 -13.35
C SER B 50 -16.74 23.05 -14.25
N ALA B 51 -15.94 24.03 -13.79
CA ALA B 51 -15.63 25.16 -14.66
C ALA B 51 -14.71 24.74 -15.77
N PHE B 52 -13.78 23.82 -15.49
CA PHE B 52 -12.91 23.27 -16.52
C PHE B 52 -13.72 22.50 -17.57
N HIS B 53 -14.57 21.59 -17.10
CA HIS B 53 -15.45 20.85 -17.99
C HIS B 53 -16.53 21.71 -18.66
N GLN B 54 -16.71 22.97 -18.23
CA GLN B 54 -17.62 23.82 -18.97
C GLN B 54 -16.94 24.63 -20.07
N TYR B 55 -15.68 25.02 -19.86
CA TYR B 55 -14.92 25.71 -20.89
C TYR B 55 -13.71 24.87 -21.30
N GLU B 56 -13.89 23.56 -21.38
CA GLU B 56 -12.81 22.74 -21.93
C GLU B 56 -12.63 23.00 -23.43
N GLU B 57 -13.70 23.42 -24.11
CA GLU B 57 -13.61 23.71 -25.53
C GLU B 57 -12.57 24.82 -25.80
N ARG B 58 -12.61 25.93 -25.04
CA ARG B 58 -11.79 27.12 -25.30
C ARG B 58 -10.47 27.14 -24.52
N LEU B 59 -9.95 25.97 -24.14
CA LEU B 59 -8.79 25.83 -23.26
C LEU B 59 -7.54 26.49 -23.81
N ASP B 60 -7.55 26.92 -25.06
CA ASP B 60 -6.32 27.42 -25.68
C ASP B 60 -6.05 28.88 -25.32
N GLU B 61 -7.12 29.68 -25.19
CA GLU B 61 -7.00 31.11 -24.92
C GLU B 61 -7.43 31.50 -23.50
N ILE B 62 -7.70 30.50 -22.63
CA ILE B 62 -8.10 30.73 -21.25
C ILE B 62 -6.91 30.53 -20.32
N ALA B 63 -6.81 31.38 -19.30
CA ALA B 63 -5.92 31.20 -18.15
C ALA B 63 -6.79 31.17 -16.90
N PHE B 64 -6.84 30.01 -16.23
CA PHE B 64 -7.77 29.83 -15.14
C PHE B 64 -7.20 30.35 -13.83
N ILE B 65 -8.09 30.59 -12.86
CA ILE B 65 -7.72 31.18 -11.58
C ILE B 65 -8.84 30.90 -10.58
N GLY B 66 -8.48 30.80 -9.30
CA GLY B 66 -9.43 30.27 -8.37
C GLY B 66 -9.25 30.64 -6.91
N ILE B 67 -10.39 30.83 -6.25
CA ILE B 67 -10.52 31.35 -4.90
C ILE B 67 -11.30 30.33 -4.09
N HIS B 68 -10.86 30.07 -2.87
CA HIS B 68 -11.37 28.93 -2.12
C HIS B 68 -12.16 29.38 -0.91
N THR B 69 -13.30 28.75 -0.68
CA THR B 69 -14.16 29.10 0.44
C THR B 69 -14.35 27.90 1.37
N PHE B 74 -6.39 22.56 -4.33
CA PHE B 74 -5.15 22.30 -5.04
C PHE B 74 -5.08 23.09 -6.36
N TYR B 75 -6.20 23.68 -6.73
CA TYR B 75 -6.31 24.49 -7.94
C TYR B 75 -6.62 25.95 -7.67
N ALA B 76 -7.20 26.27 -6.52
CA ALA B 76 -7.45 27.65 -6.11
C ALA B 76 -6.24 28.17 -5.36
N ASP B 77 -5.61 29.23 -5.86
CA ASP B 77 -4.45 29.81 -5.19
C ASP B 77 -4.77 31.16 -4.55
N TRP B 78 -6.02 31.37 -4.12
CA TRP B 78 -6.43 32.68 -3.69
C TRP B 78 -7.45 32.58 -2.56
N ARG B 79 -7.20 33.42 -1.38
CA ARG B 79 -8.07 33.48 -0.22
C ARG B 79 -9.12 34.59 -0.38
N PRO B 80 -10.36 34.36 0.09
CA PRO B 80 -11.43 35.37 -0.10
C PRO B 80 -11.07 36.78 0.40
N ALA B 81 -10.23 36.90 1.43
CA ALA B 81 -9.84 38.22 1.93
C ALA B 81 -8.98 39.00 0.96
N GLU B 82 -8.29 38.30 0.05
CA GLU B 82 -7.47 38.92 -0.99
C GLU B 82 -8.24 39.15 -2.29
N ALA B 83 -9.55 38.93 -2.28
CA ALA B 83 -10.32 38.94 -3.52
C ALA B 83 -10.24 40.29 -4.21
N ASP B 84 -9.98 41.34 -3.47
CA ASP B 84 -9.82 42.64 -4.16
C ASP B 84 -8.38 42.92 -4.55
N LYS B 85 -7.37 42.34 -3.85
CA LYS B 85 -6.03 42.52 -4.39
C LYS B 85 -5.86 41.69 -5.64
N LEU B 86 -6.76 40.72 -5.84
CA LEU B 86 -6.86 40.01 -7.11
C LEU B 86 -7.54 40.85 -8.21
N VAL B 87 -8.56 41.64 -7.88
CA VAL B 87 -9.08 42.63 -8.84
C VAL B 87 -7.98 43.61 -9.23
N LYS B 88 -7.04 43.87 -8.33
CA LYS B 88 -6.05 44.87 -8.66
C LYS B 88 -4.97 44.24 -9.53
N LEU B 89 -4.69 42.96 -9.30
CA LEU B 89 -3.64 42.23 -10.01
C LEU B 89 -4.07 41.84 -11.43
N LEU B 90 -5.28 41.32 -11.57
CA LEU B 90 -5.80 41.19 -12.93
C LEU B 90 -5.92 42.56 -13.58
N ALA B 91 -6.16 43.62 -12.77
CA ALA B 91 -6.54 44.94 -13.27
C ALA B 91 -5.56 45.48 -14.27
N LYS B 92 -4.26 45.36 -13.96
CA LYS B 92 -3.23 45.73 -14.93
C LYS B 92 -3.05 44.62 -15.96
N GLY B 93 -2.58 43.45 -15.51
CA GLY B 93 -2.27 42.34 -16.39
C GLY B 93 -0.90 41.78 -16.07
N TYR B 95 1.09 39.22 -15.49
CA TYR B 95 1.14 37.81 -15.12
C TYR B 95 1.54 36.96 -16.30
N GLN B 96 2.19 35.84 -16.03
CA GLN B 96 2.44 34.84 -17.07
C GLN B 96 1.93 33.50 -16.57
N LYS B 97 1.37 32.73 -17.49
CA LYS B 97 0.68 31.50 -17.17
C LYS B 97 1.65 30.34 -17.10
N VAL B 98 1.26 29.35 -16.30
CA VAL B 98 1.96 28.10 -16.11
C VAL B 98 0.95 26.98 -16.35
N SER B 99 1.40 25.89 -16.96
CA SER B 99 0.48 24.89 -17.51
C SER B 99 0.74 23.49 -16.97
N TYR B 100 -0.35 22.74 -16.84
CA TYR B 100 -0.53 21.41 -16.30
C TYR B 100 -1.05 20.51 -17.42
N PRO B 101 -0.50 19.30 -17.55
CA PRO B 101 -1.02 18.35 -18.54
C PRO B 101 -2.40 17.82 -18.16
N LEU B 102 -3.14 17.38 -19.17
CA LEU B 102 -4.43 16.73 -19.02
C LEU B 102 -4.36 15.29 -19.57
N LEU B 103 -5.38 14.49 -19.25
CA LEU B 103 -5.47 13.08 -19.65
C LEU B 103 -6.61 12.87 -20.63
N LYS B 104 -6.26 12.61 -21.90
CA LYS B 104 -7.25 12.22 -22.89
C LYS B 104 -7.76 10.80 -22.62
N THR B 105 -9.04 10.57 -22.90
CA THR B 105 -9.73 9.31 -22.66
C THR B 105 -10.60 8.96 -23.84
N THR B 106 -10.30 7.84 -24.49
CA THR B 106 -11.06 7.41 -25.66
C THR B 106 -11.89 6.19 -25.31
N VAL B 107 -13.13 6.17 -25.81
CA VAL B 107 -14.03 5.04 -25.64
C VAL B 107 -14.47 4.57 -27.01
N LYS B 108 -14.36 3.26 -27.24
CA LYS B 108 -14.73 2.59 -28.48
C LYS B 108 -15.99 1.78 -28.27
N TYR B 109 -16.66 1.49 -29.37
CA TYR B 109 -17.93 0.79 -29.35
C TYR B 109 -18.04 -0.10 -30.59
N GLU B 115 -16.87 6.83 -31.44
CA GLU B 115 -15.77 6.92 -30.49
C GLU B 115 -15.90 8.20 -29.67
N ALA B 116 -15.95 8.07 -28.34
CA ALA B 116 -16.31 9.19 -27.48
C ALA B 116 -15.11 9.62 -26.64
N THR B 117 -14.70 10.86 -26.84
CA THR B 117 -13.46 11.43 -26.37
C THR B 117 -13.71 12.37 -25.21
N TYR B 118 -12.86 12.29 -24.19
CA TYR B 118 -12.98 13.16 -23.04
C TYR B 118 -11.61 13.43 -22.44
N LEU B 119 -11.39 14.67 -22.03
CA LEU B 119 -10.26 15.02 -21.18
C LEU B 119 -10.69 14.99 -19.72
N ALA B 120 -9.76 14.69 -18.85
CA ALA B 120 -9.97 14.81 -17.42
C ALA B 120 -8.87 15.68 -16.84
N LEU B 121 -9.18 16.36 -15.72
CA LEU B 121 -8.12 17.12 -15.06
C LEU B 121 -7.57 16.42 -13.84
N ASN B 122 -8.34 15.47 -13.29
CA ASN B 122 -7.89 14.65 -12.17
C ASN B 122 -7.64 13.22 -12.61
N GLU B 123 -8.71 12.46 -12.89
CA GLU B 123 -8.58 11.03 -13.00
C GLU B 123 -9.63 10.50 -13.95
N SER B 124 -9.45 9.26 -14.35
CA SER B 124 -10.48 8.49 -15.00
C SER B 124 -10.44 7.12 -14.35
N THR B 125 -11.61 6.57 -14.07
CA THR B 125 -11.71 5.36 -13.27
C THR B 125 -12.66 4.45 -13.98
N VAL B 126 -12.31 3.17 -14.03
CA VAL B 126 -13.16 2.14 -14.61
C VAL B 126 -13.52 1.18 -13.49
N LYS B 127 -14.80 0.92 -13.35
CA LYS B 127 -15.29 -0.17 -12.51
C LYS B 127 -16.38 -0.88 -13.30
N SER B 128 -16.82 -2.00 -12.79
CA SER B 128 -17.99 -2.60 -13.39
C SER B 128 -19.16 -2.47 -12.43
N SER B 129 -20.32 -2.85 -12.97
CA SER B 129 -21.62 -2.87 -12.31
C SER B 129 -21.62 -3.86 -11.16
N GLY B 130 -22.61 -4.72 -11.17
CA GLY B 130 -22.48 -6.03 -10.59
C GLY B 130 -21.82 -6.98 -11.57
N GLY B 131 -21.37 -8.12 -11.05
CA GLY B 131 -20.50 -8.96 -11.82
C GLY B 131 -19.09 -8.44 -11.68
N PRO B 132 -18.14 -9.36 -11.51
CA PRO B 132 -16.75 -8.97 -11.25
C PRO B 132 -16.19 -8.04 -12.32
N PHE B 133 -15.11 -7.32 -11.97
CA PHE B 133 -14.46 -6.39 -12.89
C PHE B 133 -13.14 -6.97 -13.34
N VAL B 134 -13.09 -7.42 -14.58
CA VAL B 134 -11.91 -8.07 -15.13
C VAL B 134 -11.67 -7.43 -16.47
N VAL B 135 -10.48 -6.91 -16.69
CA VAL B 135 -10.18 -6.17 -17.91
C VAL B 135 -8.71 -6.38 -18.28
N ASP B 136 -8.47 -6.66 -19.56
CA ASP B 136 -7.12 -6.83 -20.06
C ASP B 136 -6.48 -5.46 -20.22
N VAL B 137 -5.36 -5.25 -19.54
CA VAL B 137 -4.56 -4.06 -19.75
C VAL B 137 -3.57 -4.32 -20.89
N VAL B 138 -3.44 -3.35 -21.78
CA VAL B 138 -2.63 -3.49 -22.98
C VAL B 138 -1.87 -2.18 -23.17
N ILE B 139 -0.54 -2.26 -23.09
CA ILE B 139 0.33 -1.09 -23.15
C ILE B 139 1.11 -1.12 -24.46
N ASN B 140 0.99 -0.04 -25.24
CA ASN B 140 1.73 0.12 -26.49
C ASN B 140 1.49 -1.07 -27.41
N ASP B 141 0.23 -1.48 -27.49
CA ASP B 141 -0.30 -2.56 -28.29
C ASP B 141 0.00 -3.93 -27.71
N ILE B 142 0.70 -4.01 -26.58
CA ILE B 142 1.20 -5.28 -26.06
C ILE B 142 0.55 -5.61 -24.73
N HIS B 143 0.17 -6.88 -24.56
CA HIS B 143 -0.40 -7.32 -23.29
C HIS B 143 0.64 -7.17 -22.21
N PHE B 144 0.18 -6.72 -21.06
CA PHE B 144 0.99 -6.49 -19.87
C PHE B 144 0.47 -7.26 -18.68
N GLU B 145 -0.86 -7.33 -18.49
CA GLU B 145 -1.50 -8.06 -17.38
C GLU B 145 -2.99 -8.23 -17.63
N ARG B 146 -3.58 -9.23 -16.94
CA ARG B 146 -5.03 -9.39 -16.82
C ARG B 146 -5.39 -9.18 -15.37
N PHE B 147 -6.10 -8.06 -15.12
CA PHE B 147 -6.34 -7.55 -13.78
C PHE B 147 -7.79 -7.82 -13.34
N ARG B 148 -7.95 -8.32 -12.12
CA ARG B 148 -9.25 -8.48 -11.49
C ARG B 148 -9.26 -7.73 -10.16
N GLY B 149 -10.34 -7.00 -9.91
CA GLY B 149 -10.45 -6.24 -8.68
C GLY B 149 -11.55 -5.23 -8.87
N ASP B 150 -11.52 -4.18 -8.03
CA ASP B 150 -12.61 -3.21 -8.04
C ASP B 150 -12.55 -2.26 -9.24
N GLY B 151 -11.36 -1.92 -9.73
CA GLY B 151 -11.22 -1.07 -10.89
C GLY B 151 -9.79 -0.54 -10.98
N LEU B 152 -9.59 0.40 -11.92
CA LEU B 152 -8.28 0.99 -12.20
C LEU B 152 -8.36 2.48 -12.45
N CYS B 153 -7.40 3.22 -11.89
CA CYS B 153 -7.41 4.67 -11.94
C CYS B 153 -6.19 5.19 -12.68
N MET B 154 -6.41 5.94 -13.75
CA MET B 154 -5.34 6.68 -14.42
C MET B 154 -5.49 8.17 -14.08
N SER B 155 -4.44 8.74 -13.48
CA SER B 155 -4.46 10.11 -12.98
C SER B 155 -3.45 10.98 -13.72
N THR B 156 -3.79 12.26 -13.84
CA THR B 156 -2.88 13.30 -14.34
C THR B 156 -1.97 13.84 -13.23
N PRO B 157 -0.91 14.60 -13.59
CA PRO B 157 0.04 14.99 -12.54
C PRO B 157 -0.63 15.82 -11.45
N SER B 158 -1.41 16.83 -11.84
CA SER B 158 -2.20 17.56 -10.86
C SER B 158 -3.12 16.63 -10.09
N GLY B 159 -3.72 15.65 -10.76
CA GLY B 159 -4.65 14.73 -10.10
C GLY B 159 -4.04 13.78 -9.07
N THR B 160 -2.72 13.72 -8.92
CA THR B 160 -2.17 12.69 -8.04
C THR B 160 -2.59 12.96 -6.59
N THR B 161 -2.57 14.22 -6.15
CA THR B 161 -3.08 14.62 -4.82
C THR B 161 -4.56 14.27 -4.60
N ALA B 162 -5.32 13.90 -5.64
CA ALA B 162 -6.73 13.55 -5.48
C ALA B 162 -6.98 12.08 -5.16
N TYR B 163 -7.92 11.48 -5.88
CA TYR B 163 -8.26 10.06 -5.66
C TYR B 163 -7.00 9.17 -5.67
N ASN B 164 -6.16 9.28 -6.72
CA ASN B 164 -4.90 8.52 -6.88
C ASN B 164 -4.06 8.38 -5.62
N LYS B 165 -4.01 9.45 -4.80
CA LYS B 165 -3.30 9.39 -3.53
C LYS B 165 -3.94 8.38 -2.58
N SER B 166 -5.25 8.44 -2.44
CA SER B 166 -5.90 7.54 -1.51
C SER B 166 -5.80 6.09 -1.96
N LEU B 167 -5.52 5.91 -3.24
CA LEU B 167 -5.34 4.61 -3.83
C LEU B 167 -3.97 4.04 -3.49
N GLY B 168 -2.95 4.89 -3.41
CA GLY B 168 -1.63 4.42 -3.06
C GLY B 168 -0.60 4.92 -4.05
N GLY B 169 -1.02 5.85 -4.90
CA GLY B 169 -0.09 6.40 -5.84
C GLY B 169 0.91 7.39 -5.22
N ALA B 170 1.85 7.78 -6.08
CA ALA B 170 2.82 8.82 -5.78
C ALA B 170 2.20 10.20 -6.00
N LEU B 171 2.73 11.21 -5.33
CA LEU B 171 2.41 12.59 -5.66
C LEU B 171 3.42 13.07 -6.67
N MET B 172 2.95 13.68 -7.74
CA MET B 172 3.86 14.21 -8.77
C MET B 172 3.69 15.71 -8.94
N HIS B 173 4.79 16.40 -8.99
CA HIS B 173 4.77 17.78 -9.41
C HIS B 173 4.11 17.90 -10.79
N PRO B 174 3.14 18.81 -10.97
CA PRO B 174 2.38 18.85 -12.22
C PRO B 174 3.17 19.28 -13.47
N SER B 175 4.39 19.80 -13.33
CA SER B 175 5.15 20.12 -14.54
C SER B 175 5.47 18.85 -15.32
N ILE B 176 5.71 17.73 -14.63
CA ILE B 176 6.09 16.48 -15.27
C ILE B 176 4.99 16.02 -16.21
N GLU B 177 5.33 15.76 -17.47
CA GLU B 177 4.32 15.31 -18.43
C GLU B 177 4.24 13.79 -18.38
N ALA B 178 3.29 13.30 -17.58
CA ALA B 178 3.06 11.88 -17.39
C ALA B 178 1.62 11.68 -16.93
N MET B 179 1.23 10.41 -16.85
CA MET B 179 -0.04 9.98 -16.30
C MET B 179 0.26 8.79 -15.42
N GLN B 180 -0.70 8.40 -14.58
CA GLN B 180 -0.38 7.42 -13.57
C GLN B 180 -1.56 6.52 -13.33
N LEU B 181 -1.35 5.23 -13.52
CA LEU B 181 -2.37 4.21 -13.29
C LEU B 181 -2.10 3.57 -11.94
N THR B 182 -3.18 3.24 -11.21
CA THR B 182 -3.09 2.68 -9.88
C THR B 182 -4.20 1.65 -9.73
N GLU B 183 -4.03 0.70 -8.83
CA GLU B 183 -4.95 -0.43 -8.78
C GLU B 183 -5.99 -0.24 -7.69
N MET B 184 -7.22 -0.65 -7.98
CA MET B 184 -8.30 -0.62 -7.01
C MET B 184 -8.57 -2.05 -6.59
N ALA B 185 -8.18 -2.38 -5.37
CA ALA B 185 -8.61 -3.60 -4.66
C ALA B 185 -8.44 -4.87 -5.50
N SER B 186 -7.30 -4.97 -6.18
CA SER B 186 -6.96 -6.10 -7.03
C SER B 186 -6.90 -7.42 -6.26
N ILE B 187 -7.40 -8.47 -6.90
CA ILE B 187 -7.21 -9.84 -6.44
C ILE B 187 -5.93 -10.39 -7.08
N ASN B 188 -5.03 -10.90 -6.25
CA ASN B 188 -3.80 -11.49 -6.71
C ASN B 188 -3.74 -12.91 -6.14
N ASN B 189 -3.85 -13.92 -7.01
CA ASN B 189 -3.93 -15.28 -6.50
C ASN B 189 -3.77 -16.38 -7.54
N ARG B 190 -2.64 -16.44 -8.23
CA ARG B 190 -2.35 -17.56 -9.12
C ARG B 190 -3.32 -17.72 -10.30
N VAL B 191 -4.55 -17.23 -10.18
CA VAL B 191 -5.33 -16.91 -11.38
C VAL B 191 -4.90 -15.56 -11.93
N TYR B 192 -5.12 -14.50 -11.16
CA TYR B 192 -4.90 -13.12 -11.58
C TYR B 192 -3.73 -12.57 -10.77
N ARG B 193 -2.62 -12.29 -11.43
CA ARG B 193 -1.49 -11.64 -10.78
C ARG B 193 -1.26 -10.29 -11.45
N THR B 194 -1.35 -9.22 -10.67
CA THR B 194 -1.16 -7.88 -11.19
C THR B 194 0.19 -7.34 -10.73
N ILE B 195 0.63 -6.27 -11.41
CA ILE B 195 1.82 -5.53 -10.96
C ILE B 195 1.67 -4.99 -9.53
N GLY B 196 0.50 -4.47 -9.16
CA GLY B 196 0.28 -3.94 -7.81
C GLY B 196 0.82 -2.53 -7.64
N SER B 197 2.11 -2.41 -7.88
CA SER B 197 2.80 -1.13 -7.97
C SER B 197 2.06 -0.16 -8.87
N PRO B 198 2.06 1.14 -8.54
CA PRO B 198 1.55 2.15 -9.49
C PRO B 198 2.51 2.32 -10.63
N LEU B 199 2.02 2.89 -11.73
CA LEU B 199 2.79 2.99 -12.97
C LEU B 199 2.71 4.38 -13.57
N VAL B 200 3.85 5.02 -13.76
CA VAL B 200 3.92 6.36 -14.33
C VAL B 200 4.33 6.26 -15.81
N PHE B 201 3.40 6.65 -16.74
CA PHE B 201 3.69 6.65 -18.18
C PHE B 201 3.97 8.07 -18.70
N PRO B 202 4.95 8.17 -19.60
CA PRO B 202 5.24 9.44 -20.26
C PRO B 202 4.24 9.81 -21.33
N LYS B 203 4.52 10.89 -22.04
CA LYS B 203 3.77 11.20 -23.24
C LYS B 203 4.09 10.19 -24.35
N HIS B 204 3.08 9.89 -25.14
CA HIS B 204 3.14 9.05 -26.33
C HIS B 204 3.06 7.58 -25.94
N HIS B 205 2.75 7.26 -24.69
CA HIS B 205 2.45 5.90 -24.30
C HIS B 205 0.94 5.76 -24.12
N VAL B 206 0.42 4.61 -24.56
CA VAL B 206 -1.02 4.41 -24.68
C VAL B 206 -1.37 3.20 -23.84
N VAL B 207 -2.18 3.39 -22.82
CA VAL B 207 -2.64 2.29 -21.99
C VAL B 207 -4.11 2.09 -22.28
N SER B 208 -4.45 0.88 -22.71
CA SER B 208 -5.76 0.50 -23.24
C SER B 208 -6.34 -0.60 -22.39
N LEU B 209 -7.59 -0.42 -21.93
CA LEU B 209 -8.27 -1.40 -21.09
C LEU B 209 -9.30 -2.16 -21.93
N GLN B 210 -9.05 -3.45 -22.15
CA GLN B 210 -9.89 -4.24 -23.04
C GLN B 210 -10.72 -5.25 -22.26
N PRO B 211 -12.00 -5.39 -22.59
CA PRO B 211 -12.92 -6.18 -21.75
C PRO B 211 -12.68 -7.68 -21.87
N VAL B 212 -13.19 -8.39 -20.87
CA VAL B 212 -13.04 -9.83 -20.81
C VAL B 212 -14.42 -10.46 -20.74
N ASN B 213 -14.98 -10.67 -19.56
CA ASN B 213 -16.28 -11.35 -19.52
C ASN B 213 -17.38 -10.32 -19.74
N ASP B 214 -17.80 -9.67 -18.66
CA ASP B 214 -18.76 -8.58 -18.76
C ASP B 214 -18.17 -7.43 -19.57
N LYS B 215 -18.99 -6.81 -20.41
CA LYS B 215 -18.50 -5.81 -21.34
C LYS B 215 -19.18 -4.45 -21.17
N ASP B 216 -19.86 -4.20 -20.03
CA ASP B 216 -20.58 -2.95 -19.70
C ASP B 216 -20.04 -2.38 -18.38
N PHE B 217 -19.25 -1.30 -18.43
CA PHE B 217 -18.60 -0.73 -17.26
C PHE B 217 -19.21 0.60 -16.79
N GLN B 218 -18.73 1.06 -15.61
CA GLN B 218 -18.91 2.43 -15.13
C GLN B 218 -17.60 3.19 -15.33
N ILE B 219 -17.60 4.17 -16.24
CA ILE B 219 -16.40 4.96 -16.51
C ILE B 219 -16.64 6.39 -16.05
N SER B 220 -15.81 6.83 -15.13
CA SER B 220 -15.83 8.18 -14.62
C SER B 220 -14.77 9.01 -15.33
N VAL B 221 -15.07 10.26 -15.64
CA VAL B 221 -14.04 11.21 -16.07
C VAL B 221 -14.14 12.44 -15.18
N ASP B 222 -13.12 12.67 -14.36
CA ASP B 222 -13.21 13.60 -13.24
C ASP B 222 -14.52 13.32 -12.48
N HIS B 223 -15.37 14.35 -12.35
CA HIS B 223 -16.58 14.24 -11.54
C HIS B 223 -17.78 13.68 -12.29
N LEU B 224 -17.71 13.61 -13.62
CA LEU B 224 -18.77 13.07 -14.48
C LEU B 224 -18.59 11.56 -14.69
N SER B 225 -19.28 10.75 -13.87
CA SER B 225 -19.11 9.29 -13.90
C SER B 225 -20.29 8.63 -14.61
N ILE B 226 -20.05 8.21 -15.86
CA ILE B 226 -21.08 7.74 -16.77
C ILE B 226 -20.95 6.23 -16.95
N LEU B 227 -22.06 5.60 -17.36
CA LEU B 227 -22.17 4.19 -17.65
C LEU B 227 -22.09 3.97 -19.15
N HIS B 228 -21.51 2.84 -19.54
CA HIS B 228 -21.27 2.48 -20.93
C HIS B 228 -21.60 1.01 -21.17
N ARG B 229 -22.67 0.76 -21.92
CA ARG B 229 -22.81 -0.54 -22.56
C ARG B 229 -21.72 -0.75 -23.61
N ASP B 230 -21.75 -1.92 -24.26
CA ASP B 230 -21.20 -2.07 -25.61
C ASP B 230 -19.67 -1.98 -25.72
N VAL B 231 -18.96 -1.65 -24.64
CA VAL B 231 -17.55 -1.26 -24.71
C VAL B 231 -16.65 -2.41 -25.19
N GLN B 232 -15.66 -2.07 -26.05
CA GLN B 232 -14.63 -3.02 -26.49
C GLN B 232 -13.19 -2.48 -26.39
N GLU B 233 -12.98 -1.19 -26.12
CA GLU B 233 -11.66 -0.66 -25.78
C GLU B 233 -11.85 0.64 -25.01
N ILE B 234 -11.07 0.78 -23.94
CA ILE B 234 -10.90 2.04 -23.20
C ILE B 234 -9.41 2.37 -23.26
N ARG B 235 -9.07 3.57 -23.71
CA ARG B 235 -7.69 3.87 -24.11
C ARG B 235 -7.20 5.22 -23.54
N TYR B 236 -6.44 5.13 -22.46
CA TYR B 236 -5.84 6.30 -21.87
C TYR B 236 -4.60 6.76 -22.62
N GLU B 237 -4.48 8.06 -22.80
CA GLU B 237 -3.18 8.64 -23.11
C GLU B 237 -3.14 10.10 -22.66
N VAL B 238 -1.93 10.62 -22.52
CA VAL B 238 -1.71 12.01 -22.20
C VAL B 238 -1.97 12.82 -23.46
N SER B 239 -2.58 14.00 -23.29
CA SER B 239 -3.04 14.85 -24.37
C SER B 239 -1.98 15.83 -24.84
N ALA B 240 -2.21 16.39 -26.04
CA ALA B 240 -1.41 17.48 -26.57
C ALA B 240 -1.89 18.84 -26.07
N LYS B 241 -3.08 18.89 -25.51
CA LYS B 241 -3.60 20.08 -24.88
C LYS B 241 -3.03 20.18 -23.47
N LYS B 242 -3.25 21.34 -22.85
CA LYS B 242 -2.83 21.65 -21.49
C LYS B 242 -3.82 22.67 -20.95
N ILE B 243 -3.84 22.81 -19.62
CA ILE B 243 -4.64 23.83 -18.95
C ILE B 243 -3.67 24.86 -18.37
N HIS B 244 -4.00 26.14 -18.53
CA HIS B 244 -3.13 27.24 -18.11
C HIS B 244 -3.69 27.93 -16.87
N PHE B 245 -2.80 28.22 -15.92
CA PHE B 245 -3.10 28.91 -14.67
C PHE B 245 -2.51 30.30 -14.70
N ALA B 246 -3.28 31.30 -14.25
CA ALA B 246 -2.83 32.68 -14.19
C ALA B 246 -2.26 32.98 -12.81
N ARG B 247 -1.02 33.47 -12.74
CA ARG B 247 -0.39 33.63 -11.43
C ARG B 247 0.51 34.85 -11.34
N PHE B 248 0.32 35.60 -10.25
CA PHE B 248 0.98 36.87 -9.89
C PHE B 248 1.94 36.71 -8.72
N ARG B 249 1.51 35.95 -7.70
CA ARG B 249 2.35 35.34 -6.68
C ARG B 249 3.11 34.23 -7.39
N SER B 250 3.47 33.16 -6.68
CA SER B 250 3.39 31.89 -7.38
C SER B 250 3.79 30.75 -6.45
N PHE B 251 3.58 29.58 -7.02
CA PHE B 251 3.04 28.41 -6.38
C PHE B 251 4.17 27.50 -5.92
N ASP B 252 4.00 26.92 -4.74
CA ASP B 252 4.82 25.80 -4.35
C ASP B 252 3.88 24.64 -4.10
N PHE B 253 3.90 23.69 -5.03
CA PHE B 253 3.12 22.47 -4.95
C PHE B 253 3.31 21.78 -3.61
N TRP B 254 4.56 21.47 -3.23
CA TRP B 254 4.80 20.68 -2.03
C TRP B 254 4.39 21.45 -0.78
N ARG B 255 4.54 22.77 -0.84
CA ARG B 255 3.93 23.68 0.11
C ARG B 255 2.44 23.41 0.25
N ARG B 256 1.73 23.21 -0.86
CA ARG B 256 0.30 22.91 -0.76
C ARG B 256 0.04 21.45 -0.36
N VAL B 257 0.87 20.52 -0.81
CA VAL B 257 0.82 19.14 -0.34
C VAL B 257 0.97 19.11 1.17
N HIS B 258 1.95 19.87 1.67
CA HIS B 258 2.19 19.97 3.10
C HIS B 258 0.99 20.57 3.85
N ASP B 259 0.30 21.53 3.24
CA ASP B 259 -0.80 22.18 3.95
C ASP B 259 -2.03 21.27 4.05
N SER B 260 -2.33 20.51 3.00
CA SER B 260 -3.49 19.65 3.03
C SER B 260 -3.29 18.39 3.85
N PHE B 261 -2.04 17.96 4.04
CA PHE B 261 -1.80 16.62 4.57
C PHE B 261 -0.99 16.58 5.84
N ILE B 262 -0.11 17.54 6.09
CA ILE B 262 0.77 17.42 7.25
C ILE B 262 0.26 18.31 8.37
N GLU B 263 0.52 19.62 8.24
CA GLU B 263 0.15 20.65 9.22
C GLU B 263 -0.28 21.88 8.46
N ASP B 264 -1.04 22.74 9.14
CA ASP B 264 -1.35 24.10 8.71
C ASP B 264 -1.26 24.93 9.98
N LEU B 265 -0.02 25.21 10.40
CA LEU B 265 0.25 25.78 11.71
C LEU B 265 -0.31 27.20 11.86
N GLU B 266 -0.62 27.86 10.74
CA GLU B 266 -1.38 29.11 10.72
C GLU B 266 -2.77 28.92 10.12
N SER C 13 12.61 12.14 36.35
CA SER C 13 11.95 11.16 37.18
C SER C 13 12.96 10.46 38.10
N ASP C 14 14.25 10.75 37.87
CA ASP C 14 15.20 10.72 38.96
C ASP C 14 14.71 11.58 40.11
N LEU C 15 14.09 12.72 39.78
CA LEU C 15 13.45 13.60 40.75
C LEU C 15 12.13 13.04 41.25
N LEU C 16 11.38 12.34 40.39
CA LEU C 16 10.16 11.66 40.82
C LEU C 16 10.44 10.29 41.44
N ARG C 17 11.70 9.85 41.44
CA ARG C 17 12.11 8.55 41.98
C ARG C 17 11.65 8.32 43.41
N LEU C 18 12.57 8.43 44.38
CA LEU C 18 12.17 8.21 45.77
C LEU C 18 11.28 9.27 46.27
N ASN C 19 10.92 10.19 45.37
CA ASN C 19 10.04 11.30 45.72
C ASN C 19 8.90 10.79 46.59
N MET C 20 7.91 10.02 46.02
CA MET C 20 6.83 9.37 46.80
C MET C 20 6.88 7.83 46.88
N ILE C 21 8.06 7.22 46.97
CA ILE C 21 8.18 6.08 47.86
C ILE C 21 8.63 6.53 49.24
N ALA C 22 8.99 7.81 49.37
CA ALA C 22 8.96 8.47 50.65
C ALA C 22 7.53 8.69 51.14
N GLY C 23 6.57 8.87 50.23
CA GLY C 23 5.19 9.08 50.64
C GLY C 23 4.54 7.85 51.24
N PHE C 24 5.00 6.65 50.85
CA PHE C 24 4.43 5.41 51.35
C PHE C 24 5.08 4.94 52.64
N MET C 29 3.79 0.03 52.95
CA MET C 29 4.47 -1.25 52.81
C MET C 29 5.98 -0.97 52.57
N GLU C 30 6.62 -1.76 51.71
CA GLU C 30 8.07 -1.84 51.63
C GLU C 30 8.57 -1.75 50.20
N TYR C 31 9.71 -2.40 49.92
CA TYR C 31 10.53 -2.14 48.75
C TYR C 31 11.76 -3.02 48.85
N ASP C 32 12.08 -3.74 47.78
CA ASP C 32 13.28 -4.58 47.68
C ASP C 32 13.42 -4.94 46.21
N ASP C 33 14.66 -5.11 45.79
CA ASP C 33 14.97 -5.19 44.37
C ASP C 33 15.10 -6.66 43.90
N GLU C 35 12.73 -9.64 43.93
CA GLU C 35 11.43 -10.29 43.80
C GLU C 35 10.27 -9.36 44.18
N PRO C 36 10.15 -8.24 43.49
CA PRO C 36 9.10 -7.27 43.84
C PRO C 36 7.71 -7.85 43.66
N GLU C 37 6.74 -7.23 44.34
CA GLU C 37 5.32 -7.49 44.11
C GLU C 37 4.65 -6.41 43.27
N ILE C 38 5.40 -5.34 42.96
CA ILE C 38 4.97 -4.21 42.14
C ILE C 38 6.23 -3.62 41.53
N VAL C 39 6.25 -3.45 40.21
CA VAL C 39 7.30 -2.69 39.55
C VAL C 39 6.63 -1.59 38.73
N ILE C 40 6.93 -0.35 39.08
CA ILE C 40 6.34 0.82 38.45
C ILE C 40 7.28 1.33 37.37
N SER C 41 6.72 1.79 36.25
CA SER C 41 7.54 2.28 35.17
C SER C 41 7.47 3.79 35.04
N ILE C 42 8.62 4.31 34.62
CA ILE C 42 8.89 5.71 34.50
C ILE C 42 8.52 6.13 33.08
N GLY C 43 8.31 7.43 32.87
CA GLY C 43 8.56 8.09 31.61
C GLY C 43 8.41 7.39 30.28
N GLY C 44 7.64 6.31 30.23
CA GLY C 44 7.01 5.89 29.00
C GLY C 44 7.39 4.48 28.56
N ASP C 45 7.00 4.19 27.31
CA ASP C 45 7.04 2.83 26.79
C ASP C 45 8.47 2.37 26.50
N GLY C 46 9.40 3.28 26.23
CA GLY C 46 10.72 2.95 25.73
C GLY C 46 11.55 2.03 26.60
N THR C 47 11.82 2.44 27.84
CA THR C 47 12.57 1.61 28.78
C THR C 47 11.69 0.90 29.80
N PHE C 48 10.36 0.92 29.62
CA PHE C 48 9.53 -0.14 30.20
C PHE C 48 9.90 -1.48 29.57
N LEU C 49 10.22 -1.47 28.28
CA LEU C 49 10.82 -2.61 27.62
C LEU C 49 12.06 -3.09 28.35
N SER C 50 12.86 -2.19 28.90
CA SER C 50 14.02 -2.70 29.62
C SER C 50 13.59 -3.29 30.96
N ALA C 51 12.76 -2.55 31.71
CA ALA C 51 12.22 -3.08 32.95
C ALA C 51 11.54 -4.43 32.77
N PHE C 52 10.79 -4.58 31.66
CA PHE C 52 10.29 -5.88 31.20
C PHE C 52 11.17 -7.05 31.63
N HIS C 53 12.47 -6.99 31.29
CA HIS C 53 13.39 -8.11 31.54
C HIS C 53 14.75 -7.64 32.19
N ILE C 62 4.14 -10.25 40.03
CA ILE C 62 4.25 -8.82 39.78
C ILE C 62 3.09 -8.28 38.96
N ALA C 63 2.57 -7.14 39.39
CA ALA C 63 1.72 -6.30 38.57
C ALA C 63 2.51 -5.06 38.20
N PHE C 64 2.46 -4.67 36.93
CA PHE C 64 3.22 -3.53 36.44
C PHE C 64 2.29 -2.33 36.26
N ILE C 65 2.85 -1.14 36.49
CA ILE C 65 2.13 0.10 36.24
C ILE C 65 3.12 1.15 35.77
N GLY C 66 2.61 2.13 35.01
CA GLY C 66 3.44 3.17 34.42
C GLY C 66 2.91 4.60 34.43
N ILE C 67 3.83 5.55 34.59
CA ILE C 67 3.62 6.99 34.49
C ILE C 67 4.66 7.50 33.49
N HIS C 68 4.22 8.28 32.49
CA HIS C 68 5.09 8.65 31.37
C HIS C 68 5.30 10.16 31.28
N THR C 69 6.56 10.55 31.08
CA THR C 69 6.97 11.94 30.94
C THR C 69 6.62 12.50 29.56
N PHE C 74 1.62 3.40 25.46
CA PHE C 74 0.67 2.28 25.30
C PHE C 74 0.70 1.34 26.49
N TYR C 75 1.77 1.44 27.28
CA TYR C 75 2.00 0.58 28.44
C TYR C 75 1.90 1.32 29.77
N ALA C 76 2.37 2.57 29.83
CA ALA C 76 2.29 3.42 31.03
C ALA C 76 1.00 4.22 30.93
N ASP C 77 -0.03 3.80 31.67
CA ASP C 77 -1.32 4.47 31.54
C ASP C 77 -1.45 5.72 32.39
N TRP C 78 -0.34 6.23 32.92
CA TRP C 78 -0.39 7.50 33.60
C TRP C 78 0.50 8.54 32.94
N ALA C 83 0.93 11.07 40.15
CA ALA C 83 1.81 10.17 40.86
C ALA C 83 1.50 10.12 42.36
N ASP C 84 0.96 11.22 42.88
CA ASP C 84 0.55 11.22 44.28
C ASP C 84 -0.67 10.34 44.49
N LYS C 85 -1.74 10.59 43.72
CA LYS C 85 -2.97 9.80 43.86
C LYS C 85 -2.76 8.31 43.59
N LEU C 86 -1.58 7.91 43.10
CA LEU C 86 -1.30 6.52 42.71
C LEU C 86 -0.98 5.64 43.92
N VAL C 87 0.09 5.99 44.65
CA VAL C 87 0.37 5.36 45.93
C VAL C 87 -0.77 5.59 46.92
N LYS C 88 -1.51 6.69 46.76
CA LYS C 88 -2.77 6.91 47.47
C LYS C 88 -3.77 5.79 47.18
N LEU C 89 -3.91 5.41 45.90
CA LEU C 89 -4.74 4.27 45.55
C LEU C 89 -4.00 2.95 45.75
N LEU C 90 -2.67 2.99 45.71
CA LEU C 90 -1.86 1.79 45.96
C LEU C 90 -1.79 1.50 47.45
N TYR C 95 -6.57 -2.08 43.20
CA TYR C 95 -5.81 -2.57 42.06
C TYR C 95 -6.42 -3.85 41.50
N GLN C 96 -6.64 -3.87 40.20
CA GLN C 96 -6.92 -5.09 39.46
C GLN C 96 -5.74 -5.38 38.54
N LYS C 97 -5.48 -6.68 38.33
CA LYS C 97 -4.41 -7.16 37.46
C LYS C 97 -5.02 -7.73 36.19
N VAL C 98 -4.55 -7.28 35.03
CA VAL C 98 -5.20 -7.60 33.76
C VAL C 98 -4.16 -8.08 32.77
N SER C 99 -4.60 -8.92 31.82
CA SER C 99 -3.75 -9.79 31.02
C SER C 99 -3.36 -9.17 29.67
N TYR C 100 -2.05 -9.14 29.38
CA TYR C 100 -1.54 -8.99 28.02
C TYR C 100 -0.66 -10.19 27.67
N PRO C 101 -0.74 -10.67 26.44
CA PRO C 101 0.05 -11.85 26.03
C PRO C 101 1.43 -11.43 25.58
N LEU C 102 2.26 -12.44 25.27
CA LEU C 102 3.65 -12.19 24.89
C LEU C 102 4.14 -13.30 23.96
N LEU C 103 5.35 -13.09 23.40
CA LEU C 103 5.92 -13.88 22.30
C LEU C 103 7.15 -14.64 22.73
N LYS C 104 7.18 -15.93 22.46
CA LYS C 104 8.42 -16.68 22.58
C LYS C 104 9.17 -16.67 21.26
N THR C 105 10.48 -16.43 21.34
CA THR C 105 11.43 -16.64 20.25
C THR C 105 12.21 -17.91 20.57
N THR C 106 12.71 -18.57 19.53
CA THR C 106 13.52 -19.77 19.74
C THR C 106 14.49 -19.99 18.60
N VAL C 107 15.76 -19.98 18.97
CA VAL C 107 16.85 -20.01 18.02
C VAL C 107 17.62 -21.28 18.29
N LYS C 108 18.08 -21.90 17.22
CA LYS C 108 18.75 -23.17 17.30
C LYS C 108 19.75 -23.20 16.16
N LYS C 114 23.22 -25.34 22.17
CA LYS C 114 21.95 -25.44 22.87
C LYS C 114 20.98 -24.37 22.40
N GLU C 115 19.70 -24.72 22.37
CA GLU C 115 18.68 -23.74 22.04
C GLU C 115 18.64 -22.66 23.13
N ALA C 116 18.54 -21.40 22.69
CA ALA C 116 18.28 -20.26 23.54
C ALA C 116 16.92 -19.69 23.17
N THR C 117 16.24 -19.11 24.14
CA THR C 117 14.91 -18.57 23.88
C THR C 117 14.72 -17.19 24.49
N TYR C 118 13.92 -16.38 23.81
CA TYR C 118 13.80 -14.97 24.14
C TYR C 118 12.35 -14.58 24.15
N LEU C 119 11.93 -13.95 25.22
CA LEU C 119 10.56 -13.49 25.36
C LEU C 119 10.46 -12.05 24.86
N ALA C 120 9.23 -11.59 24.63
CA ALA C 120 9.04 -10.35 23.89
C ALA C 120 7.74 -9.70 24.29
N LEU C 121 7.82 -8.40 24.59
CA LEU C 121 6.61 -7.63 24.85
C LEU C 121 6.10 -6.97 23.58
N ASN C 122 7.02 -6.52 22.71
CA ASN C 122 6.66 -5.91 21.44
C ASN C 122 6.74 -6.89 20.28
N GLU C 123 7.96 -7.28 19.89
CA GLU C 123 8.16 -8.01 18.64
C GLU C 123 9.50 -8.72 18.65
N SER C 124 9.85 -9.28 17.49
CA SER C 124 11.11 -9.96 17.21
C SER C 124 11.31 -9.88 15.72
N THR C 125 12.54 -9.64 15.27
CA THR C 125 12.79 -9.58 13.83
C THR C 125 14.07 -10.29 13.43
N VAL C 126 14.06 -10.85 12.22
CA VAL C 126 15.24 -11.41 11.61
C VAL C 126 15.55 -10.59 10.38
N LYS C 127 16.85 -10.29 10.18
CA LYS C 127 17.40 -9.60 9.02
C LYS C 127 18.78 -10.18 8.75
N SER C 128 19.26 -10.04 7.52
CA SER C 128 20.57 -10.57 7.16
C SER C 128 21.70 -9.63 7.53
N SER C 129 22.89 -10.19 7.74
CA SER C 129 24.03 -9.38 8.19
C SER C 129 24.58 -8.52 7.05
N GLY C 130 24.78 -9.12 5.89
CA GLY C 130 25.32 -8.38 4.77
C GLY C 130 24.44 -8.37 3.54
N GLY C 131 24.26 -9.54 2.93
CA GLY C 131 23.60 -9.62 1.66
C GLY C 131 22.20 -10.18 1.71
N PRO C 132 21.82 -10.93 0.68
CA PRO C 132 20.40 -11.24 0.48
C PRO C 132 19.77 -12.05 1.60
N PHE C 133 18.91 -11.41 2.39
CA PHE C 133 18.08 -12.14 3.34
C PHE C 133 17.11 -13.06 2.61
N VAL C 134 17.31 -14.38 2.71
CA VAL C 134 16.45 -15.35 2.05
C VAL C 134 16.06 -16.41 3.07
N VAL C 135 14.76 -16.58 3.31
CA VAL C 135 14.29 -17.46 4.38
C VAL C 135 13.02 -18.18 3.93
N ASP C 136 12.82 -19.39 4.48
CA ASP C 136 11.66 -20.22 4.23
C ASP C 136 10.73 -20.18 5.44
N VAL C 137 9.43 -20.04 5.18
CA VAL C 137 8.43 -19.88 6.22
C VAL C 137 7.67 -21.21 6.42
N VAL C 138 7.74 -21.77 7.61
CA VAL C 138 7.15 -23.08 7.86
C VAL C 138 6.15 -22.92 8.99
N ILE C 139 4.89 -22.85 8.66
CA ILE C 139 3.86 -22.83 9.68
C ILE C 139 3.51 -24.26 10.01
N ASN C 140 3.22 -24.52 11.29
CA ASN C 140 2.67 -25.80 11.73
C ASN C 140 3.39 -26.96 11.07
N ASP C 141 4.71 -26.83 10.92
CA ASP C 141 5.59 -27.85 10.36
C ASP C 141 5.38 -28.05 8.86
N ILE C 142 4.82 -27.07 8.15
CA ILE C 142 4.54 -27.17 6.72
C ILE C 142 4.91 -25.86 6.03
N HIS C 143 5.72 -25.96 4.98
CA HIS C 143 6.24 -24.78 4.28
C HIS C 143 5.11 -23.91 3.74
N PHE C 144 5.38 -22.62 3.67
CA PHE C 144 4.39 -21.67 3.22
C PHE C 144 4.89 -20.74 2.14
N GLU C 145 6.13 -20.28 2.22
CA GLU C 145 6.71 -19.36 1.23
C GLU C 145 8.21 -19.22 1.50
N ARG C 146 8.94 -18.75 0.48
CA ARG C 146 10.34 -18.37 0.61
C ARG C 146 10.49 -16.85 0.53
N PHE C 147 10.71 -16.20 1.67
CA PHE C 147 10.71 -14.74 1.75
C PHE C 147 12.08 -14.13 1.49
N ARG C 148 12.18 -13.30 0.45
CA ARG C 148 13.42 -12.56 0.19
C ARG C 148 13.19 -11.05 0.32
N GLY C 149 14.13 -10.37 0.97
CA GLY C 149 14.14 -8.92 0.99
C GLY C 149 14.96 -8.32 2.13
N ASP C 150 14.34 -7.46 2.92
CA ASP C 150 15.02 -6.94 4.09
C ASP C 150 14.85 -7.85 5.30
N GLY C 151 13.66 -8.35 5.56
CA GLY C 151 13.45 -9.05 6.82
C GLY C 151 11.98 -9.18 7.16
N LEU C 152 11.75 -9.64 8.39
CA LEU C 152 10.43 -10.12 8.81
C LEU C 152 10.21 -9.74 10.25
N CYS C 153 8.95 -9.63 10.66
CA CYS C 153 8.67 -9.03 11.95
C CYS C 153 7.52 -9.75 12.61
N MET C 154 7.79 -10.38 13.76
CA MET C 154 6.78 -11.06 14.54
C MET C 154 6.36 -10.15 15.69
N SER C 155 5.18 -9.58 15.61
CA SER C 155 4.67 -8.68 16.63
C SER C 155 3.70 -9.35 17.58
N THR C 156 3.81 -9.01 18.85
CA THR C 156 2.82 -9.34 19.88
C THR C 156 1.54 -8.48 19.71
N PRO C 157 0.44 -8.82 20.40
CA PRO C 157 -0.75 -7.98 20.24
C PRO C 157 -0.56 -6.59 20.77
N SER C 158 0.07 -6.44 21.94
CA SER C 158 0.40 -5.11 22.45
C SER C 158 1.47 -4.43 21.59
N GLY C 159 2.36 -5.21 20.98
CA GLY C 159 3.39 -4.65 20.12
C GLY C 159 2.93 -4.19 18.75
N THR C 160 1.62 -4.22 18.49
CA THR C 160 1.16 -3.86 17.15
C THR C 160 1.13 -2.36 16.93
N THR C 161 0.91 -1.57 17.98
CA THR C 161 1.02 -0.11 17.84
C THR C 161 2.45 0.35 17.56
N ALA C 162 3.45 -0.50 17.83
CA ALA C 162 4.83 -0.11 17.59
C ALA C 162 5.27 -0.37 16.15
N TYR C 163 6.49 -0.90 16.00
CA TYR C 163 7.10 -1.15 14.69
C TYR C 163 6.12 -1.74 13.68
N ASN C 164 5.47 -2.85 14.08
CA ASN C 164 4.39 -3.48 13.33
C ASN C 164 3.48 -2.50 12.61
N LYS C 165 3.08 -1.42 13.30
CA LYS C 165 2.24 -0.41 12.66
C LYS C 165 2.94 0.19 11.45
N SER C 166 4.25 0.46 11.60
CA SER C 166 5.03 1.17 10.59
C SER C 166 5.37 0.27 9.42
N LEU C 167 5.38 -1.05 9.62
CA LEU C 167 5.56 -2.01 8.54
C LEU C 167 4.24 -2.41 7.89
N GLY C 168 3.11 -1.89 8.36
CA GLY C 168 1.83 -2.21 7.79
C GLY C 168 1.00 -3.22 8.55
N GLY C 169 1.48 -3.68 9.70
CA GLY C 169 0.68 -4.57 10.50
C GLY C 169 -0.66 -3.99 10.88
N ALA C 170 -1.55 -4.89 11.32
CA ALA C 170 -2.78 -4.42 11.93
C ALA C 170 -2.53 -4.05 13.38
N LEU C 171 -3.45 -3.30 13.95
CA LEU C 171 -3.44 -2.95 15.35
C LEU C 171 -4.47 -3.81 16.05
N MET C 172 -4.04 -4.49 17.11
CA MET C 172 -4.93 -5.34 17.88
C MET C 172 -4.96 -4.86 19.31
N HIS C 173 -6.13 -4.86 19.89
CA HIS C 173 -6.24 -4.69 21.31
C HIS C 173 -5.49 -5.84 21.97
N PRO C 174 -4.55 -5.57 22.88
CA PRO C 174 -3.59 -6.63 23.26
C PRO C 174 -4.23 -7.87 23.82
N SER C 175 -5.40 -7.75 24.47
CA SER C 175 -6.03 -8.89 25.13
C SER C 175 -6.23 -10.08 24.20
N ILE C 176 -6.25 -9.84 22.88
CA ILE C 176 -6.51 -10.88 21.90
C ILE C 176 -5.35 -11.87 21.88
N GLU C 177 -5.63 -13.12 22.23
CA GLU C 177 -4.63 -14.18 22.25
C GLU C 177 -4.02 -14.43 20.88
N ALA C 178 -2.97 -13.71 20.48
CA ALA C 178 -2.54 -13.84 19.09
C ALA C 178 -1.06 -13.50 18.92
N MET C 179 -0.64 -13.44 17.66
CA MET C 179 0.69 -12.96 17.25
C MET C 179 0.61 -12.68 15.75
N GLN C 180 1.48 -11.80 15.28
CA GLN C 180 1.38 -11.28 13.92
C GLN C 180 2.77 -11.19 13.29
N LEU C 181 2.88 -11.63 12.03
CA LEU C 181 4.09 -11.48 11.26
C LEU C 181 3.82 -10.49 10.14
N THR C 182 4.75 -9.58 9.91
CA THR C 182 4.61 -8.58 8.86
C THR C 182 5.90 -8.56 8.08
N GLU C 183 5.82 -8.23 6.80
CA GLU C 183 6.98 -8.39 5.94
C GLU C 183 7.74 -7.08 5.85
N MET C 184 9.08 -7.18 5.73
CA MET C 184 9.95 -6.03 5.51
C MET C 184 10.47 -6.08 4.07
N ALA C 185 9.89 -5.24 3.22
CA ALA C 185 10.50 -4.87 1.94
C ALA C 185 10.83 -6.10 1.11
N SER C 186 9.79 -6.85 0.78
CA SER C 186 10.00 -8.04 -0.03
C SER C 186 10.26 -7.66 -1.47
N ILE C 187 11.05 -8.48 -2.12
CA ILE C 187 11.20 -8.49 -3.56
C ILE C 187 10.23 -9.57 -4.02
N ASN C 188 9.09 -9.19 -4.57
CA ASN C 188 8.07 -10.15 -5.01
C ASN C 188 8.02 -10.21 -6.54
N ASN C 189 8.73 -11.18 -7.11
CA ASN C 189 8.68 -11.43 -8.54
C ASN C 189 8.63 -12.93 -8.77
N ARG C 190 8.63 -13.31 -10.06
CA ARG C 190 8.66 -14.68 -10.59
C ARG C 190 9.25 -15.68 -9.59
N VAL C 191 10.43 -15.34 -9.07
CA VAL C 191 11.18 -16.21 -8.18
C VAL C 191 10.55 -16.19 -6.80
N TYR C 192 10.62 -15.05 -6.11
CA TYR C 192 10.27 -15.00 -4.68
C TYR C 192 8.87 -14.44 -4.50
N ARG C 193 7.88 -15.28 -4.77
CA ARG C 193 6.50 -14.87 -4.62
C ARG C 193 6.08 -15.04 -3.16
N THR C 194 5.65 -13.96 -2.54
CA THR C 194 5.33 -13.94 -1.13
C THR C 194 3.88 -13.53 -0.92
N ILE C 195 3.37 -13.78 0.28
CA ILE C 195 1.94 -13.59 0.54
C ILE C 195 1.49 -12.13 0.53
N GLY C 196 2.39 -11.17 0.73
CA GLY C 196 2.01 -9.77 0.78
C GLY C 196 1.31 -9.32 2.05
N SER C 197 0.17 -9.91 2.37
CA SER C 197 -0.61 -9.54 3.54
C SER C 197 0.13 -9.84 4.85
N PRO C 198 -0.17 -9.10 5.91
CA PRO C 198 0.27 -9.53 7.23
C PRO C 198 -0.52 -10.76 7.67
N LEU C 199 0.13 -11.59 8.49
CA LEU C 199 -0.38 -12.86 8.91
C LEU C 199 -0.56 -12.91 10.42
N VAL C 200 -1.75 -13.33 10.87
CA VAL C 200 -2.12 -13.39 12.27
C VAL C 200 -2.27 -14.86 12.68
N PHE C 201 -1.52 -15.27 13.70
CA PHE C 201 -1.59 -16.64 14.22
C PHE C 201 -2.06 -16.68 15.66
N PRO C 202 -2.73 -17.76 16.06
CA PRO C 202 -3.31 -17.82 17.40
C PRO C 202 -2.42 -18.54 18.39
N LYS C 203 -3.01 -18.95 19.51
CA LYS C 203 -2.28 -19.80 20.44
C LYS C 203 -1.91 -21.14 19.80
N HIS C 204 -0.70 -21.62 20.10
CA HIS C 204 -0.22 -22.97 19.78
C HIS C 204 0.30 -23.08 18.35
N HIS C 205 -0.16 -22.21 17.44
CA HIS C 205 0.40 -22.16 16.09
C HIS C 205 1.86 -21.71 16.12
N VAL C 206 2.71 -22.36 15.33
CA VAL C 206 4.14 -22.05 15.29
C VAL C 206 4.58 -21.74 13.87
N VAL C 207 5.17 -20.55 13.68
CA VAL C 207 5.88 -20.20 12.46
C VAL C 207 7.34 -20.48 12.73
N SER C 208 8.00 -21.18 11.80
CA SER C 208 9.41 -21.50 11.90
C SER C 208 10.13 -21.00 10.67
N LEU C 209 11.17 -20.19 10.88
CA LEU C 209 11.87 -19.51 9.78
C LEU C 209 13.20 -20.20 9.54
N GLN C 210 13.43 -20.64 8.30
CA GLN C 210 14.58 -21.48 8.01
C GLN C 210 15.42 -20.95 6.86
N PRO C 211 16.76 -20.98 7.01
CA PRO C 211 17.64 -20.37 6.00
C PRO C 211 17.75 -21.19 4.72
N VAL C 212 18.19 -20.50 3.65
CA VAL C 212 18.35 -21.11 2.34
C VAL C 212 19.79 -21.03 1.83
N ASN C 213 20.48 -19.91 2.06
CA ASN C 213 21.86 -19.83 1.57
C ASN C 213 22.82 -19.57 2.74
N ASP C 214 23.05 -18.30 3.06
CA ASP C 214 23.88 -17.97 4.22
C ASP C 214 23.20 -18.43 5.51
N LYS C 215 23.96 -18.41 6.60
CA LYS C 215 23.53 -19.03 7.84
C LYS C 215 23.45 -18.10 9.03
N ASP C 216 23.78 -16.81 8.89
CA ASP C 216 23.58 -15.88 9.99
C ASP C 216 22.72 -14.70 9.60
N PHE C 217 22.10 -14.17 10.63
CA PHE C 217 21.09 -13.15 10.54
C PHE C 217 21.24 -12.32 11.81
N GLN C 218 20.89 -11.03 11.75
CA GLN C 218 20.80 -10.26 12.98
C GLN C 218 19.39 -10.38 13.51
N ILE C 219 19.20 -11.28 14.44
CA ILE C 219 17.91 -11.44 15.10
C ILE C 219 17.83 -10.43 16.23
N SER C 220 16.64 -9.94 16.53
CA SER C 220 16.51 -9.23 17.78
C SER C 220 15.07 -9.06 18.22
N VAL C 221 14.94 -8.91 19.52
CA VAL C 221 13.69 -8.94 20.25
C VAL C 221 13.58 -7.65 21.05
N ASP C 222 12.37 -7.07 21.10
CA ASP C 222 12.14 -5.75 21.68
C ASP C 222 13.27 -4.81 21.29
N HIS C 223 13.92 -4.12 22.23
CA HIS C 223 14.92 -3.17 21.75
C HIS C 223 16.31 -3.76 21.58
N LEU C 224 16.67 -4.86 22.27
CA LEU C 224 18.04 -5.37 22.15
C LEU C 224 18.37 -5.71 20.69
N SER C 225 19.66 -6.02 20.40
CA SER C 225 20.08 -6.26 19.00
C SER C 225 21.23 -7.27 18.93
N ILE C 226 20.91 -8.55 19.09
CA ILE C 226 21.91 -9.57 19.28
C ILE C 226 22.02 -10.41 18.01
N LEU C 227 23.08 -10.17 17.24
CA LEU C 227 23.37 -11.02 16.10
C LEU C 227 23.53 -12.47 16.53
N HIS C 228 23.47 -13.37 15.54
CA HIS C 228 23.71 -14.80 15.71
C HIS C 228 24.26 -15.37 14.42
N ARG C 229 25.47 -15.96 14.46
CA ARG C 229 25.87 -16.81 13.35
C ARG C 229 25.50 -18.26 13.65
N ASP C 230 25.32 -19.03 12.57
CA ASP C 230 24.98 -20.46 12.65
C ASP C 230 23.62 -20.67 13.30
N VAL C 231 22.62 -20.01 12.73
CA VAL C 231 21.23 -20.31 13.06
C VAL C 231 20.66 -21.16 11.95
N GLN C 232 20.05 -22.29 12.33
CA GLN C 232 19.35 -23.17 11.40
C GLN C 232 17.84 -23.07 11.52
N GLU C 233 17.30 -22.61 12.66
CA GLU C 233 15.87 -22.38 12.71
C GLU C 233 15.53 -21.31 13.75
N ILE C 234 14.47 -20.57 13.46
CA ILE C 234 13.97 -19.47 14.26
C ILE C 234 12.48 -19.70 14.46
N ARG C 235 12.02 -19.65 15.70
CA ARG C 235 10.75 -20.25 16.06
C ARG C 235 9.94 -19.25 16.87
N TYR C 236 8.85 -18.75 16.28
CA TYR C 236 7.96 -17.78 16.92
C TYR C 236 6.67 -18.46 17.32
N GLU C 237 6.38 -18.44 18.61
CA GLU C 237 5.11 -18.96 19.10
C GLU C 237 4.72 -18.18 20.36
N VAL C 238 3.44 -17.89 20.48
CA VAL C 238 2.91 -17.31 21.69
C VAL C 238 3.38 -18.17 22.86
N SER C 239 4.08 -17.54 23.79
CA SER C 239 4.48 -18.20 25.03
C SER C 239 3.27 -18.41 25.92
N ALA C 240 3.32 -19.48 26.74
CA ALA C 240 2.25 -19.75 27.70
C ALA C 240 2.20 -18.66 28.77
N LYS C 241 3.33 -17.98 28.98
CA LYS C 241 3.47 -16.74 29.74
C LYS C 241 2.28 -15.77 29.64
N LYS C 242 2.16 -14.85 30.60
CA LYS C 242 1.24 -13.72 30.54
C LYS C 242 1.85 -12.57 31.34
N ILE C 243 1.46 -11.36 31.01
CA ILE C 243 1.86 -10.18 31.77
C ILE C 243 0.63 -9.61 32.44
N HIS C 244 0.78 -9.22 33.71
CA HIS C 244 -0.29 -8.64 34.51
C HIS C 244 0.00 -7.16 34.74
N PHE C 245 -1.03 -6.34 34.62
CA PHE C 245 -0.94 -4.89 34.79
C PHE C 245 -1.74 -4.48 36.02
N ALA C 246 -1.14 -3.67 36.88
CA ALA C 246 -1.82 -3.14 38.05
C ALA C 246 -2.77 -2.03 37.59
N ARG C 247 -4.05 -2.19 37.86
CA ARG C 247 -5.09 -1.33 37.31
C ARG C 247 -6.05 -0.91 38.42
N PHE C 248 -6.32 0.39 38.49
CA PHE C 248 -7.22 0.92 39.51
C PHE C 248 -8.50 1.46 38.87
N PHE C 251 -7.53 1.40 30.78
CA PHE C 251 -7.23 1.79 29.42
C PHE C 251 -8.49 2.07 28.65
N ASP C 252 -8.30 2.81 27.57
CA ASP C 252 -9.14 2.71 26.38
C ASP C 252 -8.11 2.67 25.26
N PHE C 253 -7.59 1.44 24.99
CA PHE C 253 -6.63 1.21 23.92
C PHE C 253 -7.00 2.02 22.70
N TRP C 254 -8.28 1.95 22.30
CA TRP C 254 -8.72 2.66 21.11
C TRP C 254 -8.68 4.17 21.27
N ARG C 255 -8.68 4.68 22.50
CA ARG C 255 -8.48 6.11 22.72
C ARG C 255 -7.01 6.46 22.87
N ARG C 256 -6.20 5.61 23.50
CA ARG C 256 -4.75 5.85 23.50
C ARG C 256 -4.19 5.77 22.07
N VAL C 257 -4.63 4.77 21.30
CA VAL C 257 -4.31 4.77 19.87
C VAL C 257 -4.73 6.10 19.24
N HIS C 258 -6.01 6.44 19.40
CA HIS C 258 -6.52 7.76 18.97
C HIS C 258 -5.62 8.91 19.36
N ASP C 259 -5.19 8.96 20.61
CA ASP C 259 -4.44 10.12 21.06
C ASP C 259 -3.02 10.11 20.50
N SER C 260 -2.42 8.95 20.30
CA SER C 260 -1.07 8.91 19.76
C SER C 260 -1.02 9.18 18.25
N PHE C 261 -2.03 8.72 17.50
CA PHE C 261 -1.95 8.80 16.04
C PHE C 261 -2.94 9.78 15.39
N ILE C 262 -4.05 10.11 16.06
CA ILE C 262 -5.03 11.02 15.46
C ILE C 262 -4.95 12.42 16.05
N LYS D 2 -30.42 -35.98 11.00
CA LYS D 2 -31.20 -35.50 9.85
C LYS D 2 -30.34 -34.70 8.84
N TYR D 3 -30.61 -34.88 7.54
CA TYR D 3 -29.77 -34.32 6.49
C TYR D 3 -30.55 -33.43 5.52
N MET D 4 -29.78 -32.71 4.72
CA MET D 4 -30.20 -31.81 3.66
C MET D 4 -29.05 -31.66 2.67
N ILE D 5 -29.36 -31.29 1.42
CA ILE D 5 -28.34 -30.72 0.55
C ILE D 5 -28.85 -29.51 -0.25
N THR D 6 -27.94 -28.59 -0.56
CA THR D 6 -28.18 -27.48 -1.48
C THR D 6 -27.25 -27.57 -2.67
N SER D 7 -27.71 -27.04 -3.80
CA SER D 7 -27.03 -27.20 -5.07
C SER D 7 -26.84 -25.86 -5.75
N LYS D 8 -25.84 -25.83 -6.63
CA LYS D 8 -25.49 -24.63 -7.39
C LYS D 8 -26.53 -24.29 -8.45
N GLY D 9 -27.05 -25.31 -9.13
CA GLY D 9 -27.98 -25.15 -10.24
C GLY D 9 -27.53 -25.81 -11.52
N ASP D 10 -26.22 -25.99 -11.69
CA ASP D 10 -25.69 -26.55 -12.91
C ASP D 10 -25.88 -28.07 -12.92
N GLU D 11 -25.63 -28.66 -14.10
CA GLU D 11 -25.77 -30.09 -14.27
C GLU D 11 -24.93 -30.86 -13.26
N LYS D 12 -23.66 -30.48 -13.12
CA LYS D 12 -22.74 -31.20 -12.25
C LYS D 12 -23.20 -31.18 -10.80
N SER D 13 -23.69 -30.04 -10.31
CA SER D 13 -24.13 -29.96 -8.91
C SER D 13 -25.36 -30.81 -8.70
N ASP D 14 -26.37 -30.62 -9.55
CA ASP D 14 -27.54 -31.49 -9.49
C ASP D 14 -27.16 -32.95 -9.61
N LEU D 15 -26.11 -33.24 -10.41
CA LEU D 15 -25.67 -34.60 -10.60
C LEU D 15 -25.60 -35.34 -9.27
N LEU D 16 -24.72 -34.90 -8.37
CA LEU D 16 -24.40 -35.71 -7.19
C LEU D 16 -25.28 -35.44 -5.97
N ARG D 17 -26.21 -34.49 -6.01
CA ARG D 17 -27.11 -34.29 -4.87
C ARG D 17 -27.94 -35.53 -4.61
N LEU D 18 -28.63 -36.02 -5.64
CA LEU D 18 -29.45 -37.22 -5.47
C LEU D 18 -28.60 -38.47 -5.32
N ASN D 19 -27.40 -38.48 -5.89
CA ASN D 19 -26.50 -39.62 -5.68
C ASN D 19 -26.18 -39.80 -4.21
N MET D 20 -25.95 -38.69 -3.50
CA MET D 20 -25.68 -38.77 -2.07
C MET D 20 -26.93 -39.10 -1.27
N ILE D 21 -28.11 -38.68 -1.75
CA ILE D 21 -29.36 -39.11 -1.13
C ILE D 21 -29.72 -40.53 -1.55
N ALA D 22 -29.12 -41.04 -2.63
CA ALA D 22 -29.20 -42.46 -2.93
C ALA D 22 -28.37 -43.29 -1.96
N GLY D 23 -27.20 -42.78 -1.55
CA GLY D 23 -26.43 -43.46 -0.53
C GLY D 23 -26.96 -43.25 0.87
N PHE D 24 -27.75 -42.20 1.09
CA PHE D 24 -28.28 -41.87 2.41
C PHE D 24 -29.62 -42.53 2.71
N GLY D 25 -30.30 -43.07 1.70
CA GLY D 25 -31.58 -43.75 1.88
C GLY D 25 -31.48 -45.02 2.69
N GLU D 26 -30.30 -45.64 2.71
CA GLU D 26 -29.94 -46.65 3.69
C GLU D 26 -29.64 -45.91 4.99
N TYR D 27 -28.91 -46.52 5.92
CA TYR D 27 -28.44 -45.87 7.16
C TYR D 27 -29.59 -45.27 7.98
N ASP D 28 -29.30 -44.79 9.19
CA ASP D 28 -30.38 -44.34 10.08
C ASP D 28 -30.72 -42.85 9.92
N MET D 29 -30.51 -42.28 8.72
CA MET D 29 -30.59 -40.85 8.49
C MET D 29 -31.71 -40.48 7.54
N GLU D 30 -32.32 -39.30 7.78
CA GLU D 30 -33.50 -38.82 7.06
C GLU D 30 -33.34 -37.35 6.63
N TYR D 31 -34.00 -36.96 5.53
CA TYR D 31 -33.89 -35.62 4.94
C TYR D 31 -35.04 -34.75 5.44
N ASP D 32 -34.72 -33.57 5.96
CA ASP D 32 -35.75 -32.56 6.07
C ASP D 32 -35.06 -31.22 6.00
N ASP D 33 -35.36 -30.48 4.94
CA ASP D 33 -34.81 -29.16 4.73
C ASP D 33 -35.52 -28.12 5.60
N VAL D 34 -36.07 -28.59 6.73
CA VAL D 34 -36.74 -27.72 7.69
C VAL D 34 -36.04 -27.77 9.05
N GLU D 35 -35.74 -28.98 9.52
CA GLU D 35 -35.12 -29.22 10.81
C GLU D 35 -33.81 -30.00 10.68
N PRO D 36 -32.98 -29.79 9.65
CA PRO D 36 -31.78 -30.62 9.52
C PRO D 36 -30.74 -30.17 10.53
N GLU D 37 -29.86 -31.10 10.90
CA GLU D 37 -28.71 -30.72 11.69
C GLU D 37 -27.39 -30.93 10.95
N ILE D 38 -27.43 -31.43 9.71
CA ILE D 38 -26.27 -31.35 8.84
C ILE D 38 -26.73 -30.75 7.52
N VAL D 39 -26.03 -29.72 7.06
CA VAL D 39 -26.36 -29.02 5.83
C VAL D 39 -25.13 -29.00 4.93
N ILE D 40 -25.31 -29.44 3.69
CA ILE D 40 -24.22 -29.77 2.79
C ILE D 40 -24.33 -28.87 1.56
N SER D 41 -23.29 -28.10 1.33
CA SER D 41 -23.17 -27.30 0.12
C SER D 41 -22.57 -28.13 -1.00
N ILE D 42 -23.09 -27.96 -2.22
CA ILE D 42 -22.46 -28.54 -3.43
C ILE D 42 -22.12 -27.42 -4.39
N GLY D 43 -20.84 -27.08 -4.50
CA GLY D 43 -20.44 -26.22 -5.59
C GLY D 43 -19.46 -25.11 -5.28
N GLY D 44 -19.02 -24.98 -4.04
CA GLY D 44 -17.99 -24.01 -3.77
C GLY D 44 -18.31 -23.12 -2.60
N ASP D 45 -17.69 -21.94 -2.60
CA ASP D 45 -17.74 -21.01 -1.47
C ASP D 45 -18.81 -19.93 -1.61
N GLY D 46 -19.11 -19.48 -2.83
CA GLY D 46 -20.29 -18.64 -3.02
C GLY D 46 -21.57 -19.40 -2.71
N THR D 47 -21.70 -20.61 -3.26
CA THR D 47 -22.89 -21.42 -3.02
C THR D 47 -23.02 -21.78 -1.55
N PHE D 48 -21.89 -21.89 -0.83
CA PHE D 48 -21.90 -22.14 0.59
C PHE D 48 -22.50 -20.97 1.36
N LEU D 49 -22.39 -19.75 0.80
CA LEU D 49 -22.70 -18.53 1.53
C LEU D 49 -24.19 -18.31 1.67
N SER D 50 -24.96 -18.59 0.62
CA SER D 50 -26.41 -18.44 0.69
C SER D 50 -27.11 -19.66 1.27
N ALA D 51 -26.42 -20.80 1.38
CA ALA D 51 -26.94 -21.90 2.21
C ALA D 51 -26.99 -21.47 3.67
N PHE D 52 -25.83 -21.16 4.24
CA PHE D 52 -25.78 -20.54 5.57
C PHE D 52 -26.88 -19.52 5.76
N HIS D 53 -27.07 -18.64 4.78
CA HIS D 53 -28.07 -17.58 4.88
C HIS D 53 -29.50 -18.09 4.77
N GLN D 54 -29.67 -19.41 4.67
CA GLN D 54 -30.99 -20.02 4.77
C GLN D 54 -31.31 -20.45 6.20
N TYR D 55 -30.29 -20.78 7.01
CA TYR D 55 -30.49 -21.42 8.32
C TYR D 55 -29.85 -20.65 9.46
N GLU D 56 -30.00 -19.33 9.42
CA GLU D 56 -29.38 -18.50 10.45
C GLU D 56 -30.05 -18.69 11.79
N GLU D 57 -31.38 -18.81 11.81
CA GLU D 57 -32.15 -18.96 13.04
C GLU D 57 -32.07 -20.39 13.57
N ARG D 58 -31.53 -21.32 12.78
CA ARG D 58 -31.18 -22.65 13.27
C ARG D 58 -29.67 -22.88 13.21
N LEU D 59 -28.91 -21.81 13.39
CA LEU D 59 -27.45 -21.90 13.36
C LEU D 59 -26.92 -22.76 14.50
N ASP D 60 -26.79 -22.15 15.67
CA ASP D 60 -26.29 -22.87 16.85
C ASP D 60 -27.05 -24.17 17.05
N GLU D 61 -26.99 -25.05 16.05
CA GLU D 61 -27.68 -26.33 16.13
C GLU D 61 -27.48 -27.14 14.84
N ILE D 62 -26.93 -26.49 13.82
CA ILE D 62 -26.68 -27.14 12.54
C ILE D 62 -25.18 -27.25 12.23
N ALA D 63 -24.78 -28.39 11.68
CA ALA D 63 -23.45 -28.60 11.13
C ALA D 63 -23.45 -28.27 9.65
N PHE D 64 -22.33 -27.75 9.17
CA PHE D 64 -22.13 -27.47 7.76
C PHE D 64 -20.91 -28.22 7.26
N ILE D 65 -21.08 -28.97 6.18
CA ILE D 65 -19.96 -29.48 5.40
C ILE D 65 -20.14 -28.96 4.00
N GLY D 66 -19.02 -28.74 3.31
CA GLY D 66 -19.05 -28.04 2.06
C GLY D 66 -18.41 -28.89 1.00
N ILE D 67 -19.14 -29.15 -0.08
CA ILE D 67 -18.63 -29.94 -1.18
C ILE D 67 -18.41 -29.01 -2.36
N HIS D 68 -17.52 -29.43 -3.26
CA HIS D 68 -16.60 -28.52 -3.91
C HIS D 68 -16.32 -29.00 -5.32
N THR D 69 -16.17 -28.06 -6.25
CA THR D 69 -15.63 -28.40 -7.56
C THR D 69 -14.11 -28.22 -7.52
N GLY D 70 -13.59 -27.13 -8.10
CA GLY D 70 -12.14 -26.90 -8.14
C GLY D 70 -11.63 -25.72 -7.34
N GLY D 73 -10.50 -24.10 -2.09
CA GLY D 73 -11.54 -23.36 -1.40
C GLY D 73 -11.41 -23.34 0.11
N PHE D 74 -11.96 -22.29 0.73
CA PHE D 74 -11.76 -22.01 2.15
C PHE D 74 -12.87 -22.53 3.07
N TYR D 75 -14.05 -22.81 2.54
CA TYR D 75 -15.09 -23.41 3.37
C TYR D 75 -15.31 -24.88 3.08
N ALA D 76 -15.20 -25.30 1.82
CA ALA D 76 -15.46 -26.67 1.45
C ALA D 76 -14.16 -27.46 1.47
N ASP D 77 -14.18 -28.63 2.10
CA ASP D 77 -12.98 -29.41 2.35
C ASP D 77 -13.01 -30.79 1.70
N TRP D 78 -13.92 -31.01 0.75
CA TRP D 78 -14.04 -32.27 0.04
C TRP D 78 -14.24 -31.99 -1.44
N ARG D 79 -13.72 -32.89 -2.28
CA ARG D 79 -13.93 -32.79 -3.73
C ARG D 79 -15.03 -33.76 -4.14
N PRO D 80 -15.41 -33.83 -5.43
CA PRO D 80 -16.52 -34.72 -5.82
C PRO D 80 -16.24 -36.19 -5.60
N ALA D 81 -15.08 -36.67 -6.06
CA ALA D 81 -14.74 -38.08 -5.93
C ALA D 81 -14.89 -38.57 -4.50
N GLU D 82 -14.61 -37.71 -3.53
CA GLU D 82 -14.56 -38.09 -2.12
C GLU D 82 -15.93 -38.13 -1.46
N ALA D 83 -17.01 -37.94 -2.21
CA ALA D 83 -18.35 -38.02 -1.60
C ALA D 83 -18.66 -39.43 -1.14
N ASP D 84 -18.06 -40.44 -1.79
CA ASP D 84 -18.46 -41.83 -1.56
C ASP D 84 -18.25 -42.24 -0.11
N LYS D 85 -17.04 -42.03 0.41
CA LYS D 85 -16.78 -42.39 1.80
C LYS D 85 -17.38 -41.40 2.79
N LEU D 86 -17.59 -40.16 2.36
CA LEU D 86 -18.20 -39.15 3.23
C LEU D 86 -19.55 -39.64 3.74
N VAL D 87 -20.42 -40.10 2.83
CA VAL D 87 -21.71 -40.67 3.19
C VAL D 87 -21.56 -41.65 4.34
N LYS D 88 -20.47 -42.41 4.33
CA LYS D 88 -20.31 -43.50 5.28
C LYS D 88 -20.11 -42.98 6.70
N LEU D 89 -19.18 -42.04 6.87
CA LEU D 89 -18.76 -41.63 8.20
C LEU D 89 -19.33 -40.28 8.61
N LEU D 90 -20.03 -39.61 7.71
CA LEU D 90 -21.12 -38.79 8.19
C LEU D 90 -22.23 -39.67 8.74
N ALA D 91 -22.40 -40.83 8.11
CA ALA D 91 -23.29 -41.82 8.64
C ALA D 91 -22.83 -42.13 10.05
N LYS D 97 -16.69 -31.15 14.82
CA LYS D 97 -17.44 -29.94 15.22
C LYS D 97 -16.53 -28.81 15.70
N VAL D 98 -16.53 -27.72 14.91
CA VAL D 98 -15.62 -26.60 15.06
C VAL D 98 -16.41 -25.33 14.85
N SER D 99 -16.00 -24.25 15.51
CA SER D 99 -16.70 -22.98 15.37
C SER D 99 -15.81 -21.95 14.69
N TYR D 100 -16.42 -21.09 13.85
CA TYR D 100 -15.86 -19.86 13.34
C TYR D 100 -16.80 -18.70 13.67
N PRO D 101 -16.25 -17.54 14.04
CA PRO D 101 -17.09 -16.42 14.51
C PRO D 101 -17.81 -15.72 13.36
N LEU D 102 -18.80 -14.88 13.75
CA LEU D 102 -19.64 -14.09 12.84
C LEU D 102 -19.63 -12.64 13.32
N LEU D 103 -20.30 -11.75 12.56
CA LEU D 103 -20.35 -10.32 12.90
C LEU D 103 -21.75 -9.78 12.62
N LYS D 104 -22.43 -9.32 13.69
CA LYS D 104 -23.76 -8.74 13.53
C LYS D 104 -23.63 -7.31 13.04
N THR D 105 -24.42 -6.98 12.02
CA THR D 105 -24.59 -5.63 11.53
C THR D 105 -25.95 -5.12 12.00
N THR D 106 -25.96 -4.01 12.72
CA THR D 106 -27.20 -3.36 13.11
C THR D 106 -27.31 -2.00 12.43
N VAL D 107 -28.50 -1.70 11.90
CA VAL D 107 -28.81 -0.41 11.32
C VAL D 107 -29.92 0.20 12.15
N LYS D 108 -29.95 1.54 12.20
CA LYS D 108 -30.98 2.27 12.91
C LYS D 108 -31.47 3.42 12.05
N TYR D 109 -32.71 3.83 12.29
CA TYR D 109 -33.32 4.91 11.51
C TYR D 109 -33.94 6.03 12.40
N LYS D 113 -38.68 4.04 11.42
CA LYS D 113 -37.44 4.29 12.16
C LYS D 113 -37.11 3.15 13.16
N LYS D 114 -37.01 1.92 12.64
CA LYS D 114 -36.74 0.72 13.42
C LYS D 114 -35.55 -0.03 12.85
N GLU D 115 -35.00 -0.95 13.65
CA GLU D 115 -33.68 -1.51 13.37
C GLU D 115 -33.76 -2.93 12.79
N ALA D 116 -33.02 -3.15 11.69
CA ALA D 116 -32.76 -4.45 11.07
C ALA D 116 -31.40 -4.98 11.51
N THR D 117 -31.18 -6.27 11.30
CA THR D 117 -29.92 -6.89 11.74
C THR D 117 -29.54 -8.09 10.88
N TYR D 118 -28.23 -8.26 10.64
CA TYR D 118 -27.73 -9.27 9.70
C TYR D 118 -26.40 -9.86 10.14
N LEU D 119 -26.42 -11.15 10.48
CA LEU D 119 -25.20 -11.94 10.63
C LEU D 119 -24.45 -11.98 9.30
N ALA D 120 -23.12 -12.14 9.37
CA ALA D 120 -22.31 -12.21 8.15
C ALA D 120 -21.12 -13.13 8.37
N LEU D 121 -20.80 -13.93 7.35
CA LEU D 121 -19.76 -14.94 7.44
C LEU D 121 -18.44 -14.46 6.87
N ASN D 122 -18.45 -13.61 5.84
CA ASN D 122 -17.23 -12.96 5.35
C ASN D 122 -17.01 -11.58 5.96
N GLU D 123 -17.77 -10.58 5.50
CA GLU D 123 -17.47 -9.18 5.81
C GLU D 123 -18.76 -8.36 5.87
N SER D 124 -18.59 -7.04 5.84
CA SER D 124 -19.70 -6.11 5.77
C SER D 124 -19.16 -4.75 5.34
N THR D 125 -19.81 -4.13 4.35
CA THR D 125 -19.29 -2.92 3.72
C THR D 125 -20.31 -1.78 3.70
N VAL D 126 -19.83 -0.58 4.00
CA VAL D 126 -20.64 0.63 3.86
C VAL D 126 -20.21 1.35 2.60
N LYS D 127 -21.15 2.03 1.98
CA LYS D 127 -20.88 2.92 0.87
C LYS D 127 -21.80 4.14 0.96
N SER D 128 -21.61 5.05 0.00
CA SER D 128 -22.54 6.13 -0.24
C SER D 128 -23.81 5.62 -0.92
N SER D 129 -24.75 6.51 -1.20
CA SER D 129 -25.69 6.21 -2.28
C SER D 129 -25.35 6.98 -3.54
N GLY D 130 -24.64 8.11 -3.41
CA GLY D 130 -24.12 8.82 -4.57
C GLY D 130 -22.85 9.62 -4.29
N GLY D 131 -22.95 10.50 -3.31
CA GLY D 131 -21.90 11.47 -3.05
C GLY D 131 -20.81 10.97 -2.14
N PRO D 132 -20.17 11.88 -1.41
CA PRO D 132 -19.10 11.47 -0.50
C PRO D 132 -19.63 10.59 0.63
N PHE D 133 -18.89 9.53 0.91
CA PHE D 133 -19.07 8.76 2.14
C PHE D 133 -18.27 9.45 3.24
N VAL D 134 -18.95 10.20 4.11
CA VAL D 134 -18.32 10.91 5.21
C VAL D 134 -18.98 10.46 6.50
N VAL D 135 -18.23 9.69 7.30
CA VAL D 135 -18.72 8.94 8.44
C VAL D 135 -17.82 9.22 9.64
N ASP D 136 -18.34 8.93 10.85
CA ASP D 136 -17.56 9.04 12.08
C ASP D 136 -17.51 7.71 12.80
N VAL D 137 -16.32 7.37 13.28
CA VAL D 137 -16.02 6.05 13.80
C VAL D 137 -15.96 6.17 15.31
N VAL D 138 -17.02 5.69 15.97
CA VAL D 138 -17.15 5.79 17.41
C VAL D 138 -17.01 4.38 17.99
N ILE D 139 -16.05 4.20 18.90
CA ILE D 139 -15.66 2.88 19.35
C ILE D 139 -16.01 2.79 20.82
N ASN D 140 -17.00 1.96 21.12
CA ASN D 140 -17.55 1.86 22.47
C ASN D 140 -18.00 3.24 22.95
N ASP D 141 -18.68 3.96 22.06
CA ASP D 141 -19.26 5.27 22.37
C ASP D 141 -18.21 6.37 22.58
N ILE D 142 -17.00 6.23 22.02
CA ILE D 142 -15.97 7.27 22.11
C ILE D 142 -15.36 7.52 20.73
N HIS D 143 -15.68 8.69 20.14
CA HIS D 143 -15.22 9.06 18.80
CA HIS D 143 -15.21 9.07 18.81
C HIS D 143 -13.75 8.70 18.58
N PHE D 144 -13.46 8.13 17.40
CA PHE D 144 -12.10 7.68 17.09
C PHE D 144 -11.47 8.38 15.89
N GLU D 145 -12.24 8.68 14.84
CA GLU D 145 -11.73 9.41 13.68
C GLU D 145 -12.94 9.87 12.86
N ARG D 146 -12.69 10.75 11.90
CA ARG D 146 -13.68 11.09 10.88
C ARG D 146 -13.16 10.65 9.51
N PHE D 147 -14.02 9.94 8.76
CA PHE D 147 -13.63 9.29 7.52
C PHE D 147 -14.34 9.97 6.35
N ARG D 148 -13.57 10.45 5.38
CA ARG D 148 -14.08 10.76 4.07
C ARG D 148 -13.33 9.89 3.06
N GLY D 149 -14.00 8.91 2.50
CA GLY D 149 -13.40 8.14 1.45
C GLY D 149 -14.47 7.47 0.62
N ASP D 150 -14.29 6.17 0.41
CA ASP D 150 -15.19 5.34 -0.38
C ASP D 150 -16.11 4.49 0.48
N GLY D 151 -15.63 4.03 1.64
CA GLY D 151 -16.42 3.21 2.52
C GLY D 151 -15.54 2.47 3.51
N LEU D 152 -16.19 1.66 4.34
CA LEU D 152 -15.45 0.85 5.29
C LEU D 152 -15.81 -0.61 5.10
N CYS D 153 -14.86 -1.49 5.41
CA CYS D 153 -15.08 -2.92 5.42
C CYS D 153 -14.74 -3.43 6.80
N MET D 154 -15.62 -4.24 7.35
CA MET D 154 -15.36 -4.99 8.56
C MET D 154 -15.55 -6.46 8.22
N SER D 155 -14.57 -7.27 8.54
CA SER D 155 -14.52 -8.65 8.13
C SER D 155 -14.53 -9.54 9.37
N THR D 156 -15.10 -10.73 9.22
CA THR D 156 -14.87 -11.83 10.15
C THR D 156 -13.49 -12.41 9.87
N PRO D 157 -12.96 -13.23 10.76
CA PRO D 157 -11.70 -13.90 10.42
C PRO D 157 -11.84 -14.72 9.15
N SER D 158 -12.83 -15.62 9.13
CA SER D 158 -13.12 -16.47 7.98
C SER D 158 -13.30 -15.67 6.69
N GLY D 159 -13.49 -14.36 6.79
CA GLY D 159 -13.55 -13.48 5.64
C GLY D 159 -12.28 -12.72 5.32
N THR D 160 -11.18 -12.94 6.04
CA THR D 160 -10.00 -12.12 5.79
C THR D 160 -9.34 -12.45 4.46
N THR D 161 -9.52 -13.67 3.97
CA THR D 161 -9.02 -14.05 2.66
C THR D 161 -9.90 -13.51 1.55
N ALA D 162 -11.08 -12.99 1.90
CA ALA D 162 -11.91 -12.35 0.89
C ALA D 162 -11.54 -10.88 0.76
N TYR D 163 -12.51 -10.06 0.39
CA TYR D 163 -12.33 -8.63 0.12
C TYR D 163 -11.39 -7.94 1.13
N ASN D 164 -11.30 -8.50 2.34
CA ASN D 164 -10.42 -7.98 3.36
C ASN D 164 -8.95 -8.11 2.96
N LYS D 165 -8.60 -9.21 2.30
CA LYS D 165 -7.26 -9.40 1.76
C LYS D 165 -6.93 -8.33 0.72
N SER D 166 -7.89 -8.07 -0.19
CA SER D 166 -7.65 -7.12 -1.28
C SER D 166 -7.48 -5.69 -0.76
N LEU D 167 -8.27 -5.30 0.23
CA LEU D 167 -8.18 -3.96 0.80
C LEU D 167 -6.90 -3.72 1.59
N GLY D 168 -6.06 -4.72 1.75
CA GLY D 168 -4.86 -4.58 2.55
C GLY D 168 -4.95 -5.18 3.92
N GLY D 169 -6.02 -5.90 4.24
CA GLY D 169 -6.19 -6.39 5.58
C GLY D 169 -5.28 -7.56 5.89
N ALA D 170 -5.07 -7.77 7.19
CA ALA D 170 -4.32 -8.92 7.65
C ALA D 170 -5.13 -10.18 7.41
N LEU D 171 -4.41 -11.27 7.10
CA LEU D 171 -5.00 -12.60 7.10
C LEU D 171 -5.04 -13.13 8.53
N MET D 172 -6.22 -13.47 9.00
CA MET D 172 -6.35 -14.07 10.33
C MET D 172 -6.77 -15.52 10.23
N HIS D 173 -6.19 -16.36 11.08
CA HIS D 173 -6.75 -17.68 11.25
C HIS D 173 -8.16 -17.57 11.81
N PRO D 174 -9.09 -18.47 11.42
CA PRO D 174 -10.51 -18.27 11.75
C PRO D 174 -10.91 -18.66 13.18
N SER D 175 -10.17 -19.53 13.88
CA SER D 175 -10.56 -19.85 15.26
C SER D 175 -10.60 -18.59 16.10
N ILE D 176 -9.63 -17.68 15.85
CA ILE D 176 -9.43 -16.40 16.54
C ILE D 176 -10.69 -15.56 16.50
N GLU D 177 -11.06 -14.99 17.66
CA GLU D 177 -12.40 -14.40 17.86
C GLU D 177 -12.30 -12.87 17.79
N ALA D 178 -12.60 -12.30 16.62
CA ALA D 178 -12.24 -10.91 16.38
C ALA D 178 -13.13 -10.32 15.28
N MET D 179 -12.84 -9.07 14.93
CA MET D 179 -13.28 -8.48 13.66
C MET D 179 -12.21 -7.50 13.24
N GLN D 180 -12.28 -7.07 11.96
CA GLN D 180 -11.19 -6.34 11.30
C GLN D 180 -11.81 -5.26 10.43
N LEU D 181 -11.75 -4.02 10.93
CA LEU D 181 -12.13 -2.86 10.14
C LEU D 181 -10.96 -2.50 9.24
N THR D 182 -11.24 -2.26 7.97
CA THR D 182 -10.26 -1.74 7.00
C THR D 182 -10.90 -0.59 6.26
N GLU D 183 -10.06 0.26 5.69
CA GLU D 183 -10.53 1.44 5.00
C GLU D 183 -10.60 1.15 3.50
N MET D 184 -11.23 2.08 2.78
CA MET D 184 -11.32 2.03 1.33
C MET D 184 -11.11 3.45 0.85
N ALA D 185 -9.85 3.81 0.54
CA ALA D 185 -9.52 5.00 -0.23
C ALA D 185 -9.78 6.31 0.56
N SER D 186 -9.71 6.23 1.90
CA SER D 186 -9.66 7.37 2.80
C SER D 186 -8.80 8.48 2.23
N ILE D 187 -9.31 9.71 2.30
CA ILE D 187 -8.52 10.87 1.87
C ILE D 187 -7.31 11.06 2.77
N ASN D 188 -7.46 10.75 4.06
CA ASN D 188 -6.50 11.03 5.13
C ASN D 188 -5.76 12.35 4.94
N ASN D 189 -6.45 13.46 5.14
CA ASN D 189 -5.82 14.78 5.15
C ASN D 189 -5.95 15.31 6.57
N ARG D 190 -5.60 16.57 6.80
CA ARG D 190 -5.59 17.04 8.18
C ARG D 190 -7.02 17.22 8.74
N VAL D 191 -7.98 17.58 7.89
CA VAL D 191 -9.39 17.45 8.26
C VAL D 191 -9.74 16.01 8.61
N TYR D 192 -9.83 15.13 7.60
CA TYR D 192 -10.30 13.76 7.79
C TYR D 192 -9.12 12.81 8.00
N ARG D 193 -8.57 12.84 9.21
CA ARG D 193 -7.41 12.01 9.52
C ARG D 193 -7.84 10.62 9.96
N THR D 194 -7.19 9.60 9.40
CA THR D 194 -7.54 8.22 9.69
C THR D 194 -6.27 7.48 10.10
N ILE D 195 -6.48 6.33 10.76
CA ILE D 195 -5.40 5.45 11.24
C ILE D 195 -4.72 4.74 10.07
N GLY D 196 -5.42 4.57 8.95
CA GLY D 196 -4.85 3.88 7.80
C GLY D 196 -4.72 2.40 8.03
N SER D 197 -4.18 2.01 9.19
CA SER D 197 -3.94 0.60 9.49
C SER D 197 -5.25 -0.17 9.61
N PRO D 198 -5.18 -1.50 9.45
CA PRO D 198 -6.29 -2.36 9.88
C PRO D 198 -6.37 -2.39 11.38
N LEU D 199 -7.58 -2.65 11.90
CA LEU D 199 -7.86 -2.66 13.32
C LEU D 199 -8.67 -3.91 13.66
N VAL D 200 -8.17 -4.69 14.59
CA VAL D 200 -8.80 -5.95 14.97
C VAL D 200 -9.54 -5.77 16.30
N PHE D 201 -10.92 -5.75 16.24
CA PHE D 201 -11.77 -5.59 17.43
C PHE D 201 -12.19 -6.94 17.98
N PRO D 202 -12.16 -7.05 19.31
CA PRO D 202 -12.46 -8.32 19.96
C PRO D 202 -13.88 -8.38 20.45
N LYS D 203 -14.19 -9.47 21.16
CA LYS D 203 -15.55 -9.68 21.64
C LYS D 203 -15.94 -8.51 22.54
N HIS D 204 -17.18 -8.08 22.40
CA HIS D 204 -17.81 -7.08 23.25
C HIS D 204 -17.32 -5.66 22.96
N HIS D 205 -16.56 -5.45 21.89
CA HIS D 205 -16.22 -4.09 21.44
C HIS D 205 -17.16 -3.63 20.34
N VAL D 206 -17.82 -2.50 20.56
CA VAL D 206 -18.84 -2.00 19.64
C VAL D 206 -18.24 -0.87 18.82
N VAL D 207 -18.33 -1.01 17.51
CA VAL D 207 -17.82 -0.06 16.53
C VAL D 207 -19.02 0.44 15.75
N SER D 208 -19.16 1.77 15.65
CA SER D 208 -20.42 2.44 15.33
C SER D 208 -20.18 3.53 14.30
N LEU D 209 -21.04 3.62 13.27
CA LEU D 209 -20.77 4.51 12.14
C LEU D 209 -21.91 5.52 11.99
N GLN D 210 -21.70 6.68 12.58
CA GLN D 210 -22.58 7.84 12.47
C GLN D 210 -22.23 8.68 11.25
N PRO D 211 -23.20 9.19 10.52
CA PRO D 211 -22.92 10.08 9.39
C PRO D 211 -22.81 11.51 9.90
N VAL D 212 -22.66 12.45 8.97
CA VAL D 212 -22.56 13.84 9.39
C VAL D 212 -23.46 14.79 8.61
N ASN D 213 -23.64 14.56 7.31
CA ASN D 213 -24.37 15.51 6.48
C ASN D 213 -25.52 14.87 5.74
N ASP D 214 -25.16 13.95 4.86
CA ASP D 214 -26.11 13.26 4.01
C ASP D 214 -26.37 11.89 4.63
N LYS D 215 -27.57 11.36 4.39
CA LYS D 215 -28.06 10.18 5.09
C LYS D 215 -28.10 8.95 4.19
N ASP D 216 -27.39 9.00 3.06
CA ASP D 216 -26.64 7.91 2.42
C ASP D 216 -26.77 6.49 2.97
N PHE D 217 -26.31 5.54 2.16
CA PHE D 217 -25.62 4.31 2.56
C PHE D 217 -26.19 3.14 1.78
N GLN D 218 -25.39 2.65 0.85
CA GLN D 218 -25.61 1.35 0.22
C GLN D 218 -24.75 0.36 0.99
N ILE D 219 -25.39 -0.48 1.76
CA ILE D 219 -24.70 -1.41 2.66
C ILE D 219 -24.55 -2.74 1.95
N SER D 220 -23.54 -3.51 2.31
CA SER D 220 -23.50 -4.84 1.73
C SER D 220 -23.14 -5.82 2.83
N VAL D 221 -23.88 -6.92 2.84
CA VAL D 221 -23.62 -8.03 3.72
C VAL D 221 -23.26 -9.20 2.82
N ASP D 222 -22.06 -9.73 3.00
CA ASP D 222 -21.52 -10.82 2.18
C ASP D 222 -21.57 -10.47 0.70
N HIS D 223 -22.70 -10.73 0.04
CA HIS D 223 -22.86 -10.30 -1.34
C HIS D 223 -24.09 -9.43 -1.61
N LEU D 224 -25.06 -9.37 -0.70
CA LEU D 224 -26.31 -8.67 -0.94
C LEU D 224 -26.17 -7.18 -0.62
N SER D 225 -26.35 -6.33 -1.63
CA SER D 225 -26.21 -4.88 -1.49
C SER D 225 -27.60 -4.26 -1.47
N ILE D 226 -28.10 -3.94 -0.28
CA ILE D 226 -29.41 -3.30 -0.09
C ILE D 226 -29.22 -1.81 0.22
N LEU D 227 -29.88 -0.95 -0.56
CA LEU D 227 -29.94 0.47 -0.22
C LEU D 227 -30.67 0.67 1.10
N HIS D 228 -30.27 1.71 1.82
CA HIS D 228 -31.06 2.22 2.93
C HIS D 228 -30.97 3.74 2.88
N ARG D 229 -32.11 4.41 2.93
CA ARG D 229 -32.11 5.87 3.02
C ARG D 229 -32.52 6.32 4.42
N ASP D 230 -32.13 7.57 4.72
CA ASP D 230 -31.87 8.06 6.08
C ASP D 230 -31.61 6.90 7.03
N VAL D 231 -30.37 6.46 7.10
CA VAL D 231 -29.89 5.65 8.21
C VAL D 231 -29.43 6.61 9.28
N GLN D 232 -29.87 6.38 10.52
CA GLN D 232 -29.36 7.21 11.60
C GLN D 232 -27.97 6.77 12.03
N GLU D 233 -27.63 5.49 11.84
CA GLU D 233 -26.54 4.93 12.62
C GLU D 233 -26.29 3.46 12.26
N ILE D 234 -25.02 2.99 12.32
CA ILE D 234 -24.64 1.62 11.96
C ILE D 234 -23.70 1.07 13.03
N ARG D 235 -23.83 -0.23 13.36
CA ARG D 235 -23.09 -0.85 14.47
C ARG D 235 -22.60 -2.26 14.19
N TYR D 236 -21.28 -2.44 14.24
CA TYR D 236 -20.64 -3.75 14.19
C TYR D 236 -20.16 -4.19 15.58
N GLU D 237 -20.17 -5.51 15.80
CA GLU D 237 -19.70 -6.17 17.01
C GLU D 237 -19.64 -7.68 16.81
N VAL D 238 -18.62 -8.31 17.41
CA VAL D 238 -18.39 -9.75 17.31
C VAL D 238 -19.62 -10.55 17.72
N SER D 239 -19.87 -11.68 17.05
CA SER D 239 -21.12 -12.41 17.24
C SER D 239 -21.10 -13.35 18.44
N ALA D 240 -22.23 -13.36 19.16
CA ALA D 240 -22.47 -14.38 20.18
C ALA D 240 -22.79 -15.72 19.54
N LYS D 241 -23.67 -15.72 18.53
CA LYS D 241 -23.87 -16.91 17.72
C LYS D 241 -22.54 -17.30 17.06
N LYS D 242 -22.50 -18.51 16.52
CA LYS D 242 -21.33 -18.99 15.83
C LYS D 242 -21.74 -20.08 14.85
N ILE D 243 -20.92 -20.28 13.81
CA ILE D 243 -21.20 -21.27 12.78
C ILE D 243 -20.30 -22.49 13.01
N HIS D 244 -20.91 -23.67 12.91
CA HIS D 244 -20.29 -24.93 13.26
C HIS D 244 -20.05 -25.75 12.02
N PHE D 245 -18.85 -26.31 11.93
CA PHE D 245 -18.36 -27.09 10.79
C PHE D 245 -18.13 -28.52 11.24
N ALA D 246 -18.74 -29.48 10.53
CA ALA D 246 -18.45 -30.88 10.82
C ALA D 246 -17.13 -31.24 10.15
N ARG D 247 -16.17 -31.74 10.94
CA ARG D 247 -14.79 -31.93 10.47
C ARG D 247 -14.27 -33.34 10.77
N PHE D 248 -13.63 -33.95 9.76
CA PHE D 248 -13.10 -35.30 9.86
C PHE D 248 -11.59 -35.36 10.00
N ARG D 249 -10.88 -34.40 9.42
CA ARG D 249 -9.43 -34.32 9.44
C ARG D 249 -8.99 -33.22 10.39
N SER D 250 -7.71 -32.84 10.30
CA SER D 250 -7.22 -31.60 10.87
C SER D 250 -7.14 -30.55 9.76
N PHE D 251 -7.37 -29.29 10.13
CA PHE D 251 -7.41 -28.17 9.20
C PHE D 251 -6.07 -27.44 9.26
N ASP D 252 -5.49 -27.19 8.08
CA ASP D 252 -4.29 -26.37 7.92
C ASP D 252 -4.63 -25.20 7.00
N PHE D 253 -5.51 -24.33 7.49
CA PHE D 253 -5.83 -23.03 6.92
C PHE D 253 -4.61 -22.40 6.26
N TRP D 254 -3.48 -22.40 6.94
CA TRP D 254 -2.29 -21.77 6.38
C TRP D 254 -1.83 -22.48 5.12
N ARG D 255 -2.06 -23.79 4.99
CA ARG D 255 -1.71 -24.44 3.74
C ARG D 255 -2.66 -24.02 2.61
N ARG D 256 -3.97 -23.94 2.91
CA ARG D 256 -4.90 -23.49 1.87
C ARG D 256 -4.74 -22.01 1.56
N VAL D 257 -4.14 -21.24 2.46
CA VAL D 257 -3.72 -19.89 2.09
C VAL D 257 -2.53 -19.94 1.12
N HIS D 258 -1.55 -20.80 1.39
CA HIS D 258 -0.48 -21.02 0.42
C HIS D 258 -1.03 -21.31 -0.98
N ASP D 259 -1.98 -22.26 -1.07
CA ASP D 259 -2.49 -22.73 -2.35
C ASP D 259 -3.28 -21.65 -3.09
N SER D 260 -4.24 -21.04 -2.42
CA SER D 260 -5.05 -20.05 -3.11
C SER D 260 -4.21 -18.89 -3.66
N PHE D 261 -3.17 -18.48 -2.96
CA PHE D 261 -2.50 -17.23 -3.24
C PHE D 261 -1.07 -17.32 -3.70
N ILE D 262 -0.26 -18.18 -3.11
CA ILE D 262 1.10 -18.36 -3.60
C ILE D 262 0.86 -19.37 -4.64
N GLU D 263 1.67 -19.44 -5.67
CA GLU D 263 1.37 -20.36 -6.77
C GLU D 263 0.90 -21.77 -6.36
#